data_4BET
#
_entry.id   4BET
#
_cell.length_a   66.100
_cell.length_b   122.150
_cell.length_c   75.700
_cell.angle_alpha   90.00
_cell.angle_beta   107.32
_cell.angle_gamma   90.00
#
_symmetry.space_group_name_H-M   'P 1 21 1'
#
loop_
_entity.id
_entity.type
_entity.pdbx_description
1 polymer 'PHOSPHOCHOLINE TRANSFERASE ANKX'
2 non-polymer "[2-CYTIDYLATE-O'-PHOSPHONYLOXYL]-ETHYL-TRIMETHYL-AMMONIUM"
3 non-polymer 'SULFATE ION'
4 non-polymer GLYCEROL
5 water water
#
_entity_poly.entity_id   1
_entity_poly.type   'polypeptide(L)'
_entity_poly.pdbx_seq_one_letter_code
;MSYYHHHHHHLESTSLYKKAGLENLYFQGVKIMPNLPGLYFLQAYPSEEIWRLFVDGRFWSKENGWRGYESREPGCLNAA
LESLCSIALQVEKSGEEFELSVDLIKRIHKKCGKKVEELQEKNPGELRTDEPVSFGIPAGRASIKGIEEFLSLVFLTEGG
AEFGPGKAGPFGPRFDKNYFKNLNPEQIPDLAKQIYFDMCKYGHSNTNHFYLAVMKNVDVYLEKITQSYNKEIKTAETLD
EKLKIIVKHIRMYEVLAPFRDANGRTFVNNLLNIPLMQQGLPPATFYEPNVFDLYSAEELVVVVKEAIFNTVEIIEQSKR
KTPITLYGYHSSLEEQTKFRDMLDSPSYEKIKHMDFSDLNPEKLHLKTQKCLSSLNEQYPLHRGAIYLSDPGEIKLLLSN
RNESQINQQIEQGAPPIYVGKTPAHLAVISGNMAMLDELIAKKADLSLQDYDGKTALHYAAECGNMQIMGKILKVVLSQE
DAIKVLNIKDNHGKTAFHYAAEFGTPELISAL
;
_entity_poly.pdbx_strand_id   A,B
#
# COMPACT_ATOMS: atom_id res chain seq x y z
N MET A 33 -18.19 -19.63 7.71
CA MET A 33 -16.98 -18.81 7.71
C MET A 33 -16.96 -17.80 8.90
N PRO A 34 -16.03 -17.98 9.88
CA PRO A 34 -16.01 -17.06 11.05
C PRO A 34 -15.70 -15.61 10.73
N ASN A 35 -16.27 -14.67 11.51
CA ASN A 35 -16.06 -13.23 11.31
C ASN A 35 -14.72 -12.74 11.86
N LEU A 36 -14.34 -13.20 13.07
CA LEU A 36 -13.07 -12.90 13.71
C LEU A 36 -12.34 -14.21 14.02
N PRO A 37 -11.70 -14.87 13.02
CA PRO A 37 -11.01 -16.14 13.33
C PRO A 37 -9.92 -16.04 14.41
N GLY A 38 -9.41 -14.82 14.62
CA GLY A 38 -8.39 -14.49 15.61
C GLY A 38 -8.84 -14.56 17.05
N LEU A 39 -10.18 -14.65 17.29
CA LEU A 39 -10.76 -14.78 18.62
C LEU A 39 -10.21 -16.04 19.31
N TYR A 40 -9.77 -17.04 18.50
CA TYR A 40 -9.15 -18.29 18.95
C TYR A 40 -8.04 -17.93 19.94
N PHE A 41 -7.15 -16.99 19.55
CA PHE A 41 -6.05 -16.53 20.40
C PHE A 41 -6.50 -15.74 21.61
N LEU A 42 -7.65 -15.02 21.52
CA LEU A 42 -8.21 -14.25 22.66
C LEU A 42 -8.64 -15.21 23.74
N GLN A 43 -9.13 -16.39 23.32
CA GLN A 43 -9.53 -17.44 24.25
C GLN A 43 -8.27 -18.15 24.77
N ALA A 44 -7.29 -18.42 23.85
CA ALA A 44 -6.02 -19.08 24.15
C ALA A 44 -5.14 -18.22 25.10
N TYR A 45 -5.46 -16.92 25.22
CA TYR A 45 -4.75 -16.00 26.10
C TYR A 45 -5.11 -16.35 27.56
N PRO A 46 -4.12 -16.73 28.40
CA PRO A 46 -4.43 -17.12 29.79
C PRO A 46 -5.13 -16.03 30.62
N SER A 47 -6.29 -16.37 31.24
CA SER A 47 -7.14 -15.50 32.07
C SER A 47 -6.38 -14.59 33.04
N GLU A 48 -5.42 -15.16 33.80
CA GLU A 48 -4.63 -14.46 34.82
C GLU A 48 -3.51 -13.54 34.25
N GLU A 49 -3.41 -13.46 32.92
CA GLU A 49 -2.44 -12.70 32.13
C GLU A 49 -3.17 -11.76 31.15
N ILE A 50 -4.52 -11.82 31.12
CA ILE A 50 -5.34 -11.01 30.23
C ILE A 50 -5.11 -9.48 30.28
N TRP A 51 -4.72 -8.96 31.46
CA TRP A 51 -4.38 -7.55 31.71
C TRP A 51 -3.21 -7.07 30.84
N ARG A 52 -2.39 -8.01 30.34
CA ARG A 52 -1.21 -7.71 29.53
C ARG A 52 -1.58 -7.04 28.18
N LEU A 53 -2.83 -7.21 27.74
CA LEU A 53 -3.31 -6.59 26.51
C LEU A 53 -3.49 -5.07 26.60
N PHE A 54 -3.64 -4.56 27.83
CA PHE A 54 -3.89 -3.15 28.13
C PHE A 54 -2.76 -2.47 28.87
N VAL A 55 -2.02 -3.21 29.70
CA VAL A 55 -0.93 -2.64 30.49
C VAL A 55 0.36 -2.65 29.70
N ASP A 56 0.93 -1.48 29.37
CA ASP A 56 2.21 -1.37 28.63
C ASP A 56 3.31 -2.18 29.30
N GLY A 57 4.01 -3.00 28.51
CA GLY A 57 5.12 -3.83 28.96
C GLY A 57 6.18 -3.04 29.70
N ARG A 58 6.38 -1.78 29.29
CA ARG A 58 7.29 -0.81 29.92
C ARG A 58 7.04 -0.60 31.41
N PHE A 59 5.81 -0.91 31.91
CA PHE A 59 5.42 -0.73 33.31
C PHE A 59 5.70 -1.92 34.21
N TRP A 60 5.53 -3.15 33.67
CA TRP A 60 5.58 -4.45 34.35
C TRP A 60 6.55 -4.63 35.50
N SER A 61 7.86 -4.44 35.26
CA SER A 61 8.96 -4.59 36.24
C SER A 61 8.83 -3.66 37.44
N LYS A 62 8.49 -2.38 37.18
CA LYS A 62 8.44 -1.28 38.12
C LYS A 62 7.11 -1.09 38.83
N GLU A 63 6.02 -1.65 38.28
CA GLU A 63 4.69 -1.42 38.83
C GLU A 63 3.89 -2.65 39.16
N ASN A 64 4.54 -3.73 39.57
CA ASN A 64 3.87 -4.98 39.95
C ASN A 64 2.88 -5.47 38.89
N GLY A 65 3.33 -5.41 37.65
CA GLY A 65 2.55 -5.83 36.51
C GLY A 65 1.49 -4.84 36.12
N TRP A 66 0.25 -5.11 36.55
CA TRP A 66 -0.96 -4.33 36.27
C TRP A 66 -1.34 -3.40 37.42
N ARG A 67 -0.82 -3.67 38.64
CA ARG A 67 -1.14 -2.92 39.84
C ARG A 67 -1.06 -1.39 39.75
N GLY A 68 0.01 -0.86 39.18
CA GLY A 68 0.17 0.58 39.02
C GLY A 68 -0.84 1.18 38.05
N TYR A 69 -1.15 0.43 36.98
CA TYR A 69 -2.10 0.77 35.92
C TYR A 69 -3.53 0.86 36.50
N GLU A 70 -4.07 -0.24 37.12
CA GLU A 70 -5.42 -0.19 37.73
C GLU A 70 -5.56 0.89 38.80
N SER A 71 -4.49 1.14 39.61
CA SER A 71 -4.53 2.14 40.68
C SER A 71 -4.65 3.60 40.18
N ARG A 72 -4.15 3.92 38.98
CA ARG A 72 -4.29 5.28 38.46
C ARG A 72 -5.74 5.61 38.02
N GLU A 73 -6.46 4.59 37.60
CA GLU A 73 -7.82 4.72 37.16
C GLU A 73 -8.62 3.50 37.51
N PRO A 74 -8.95 3.40 38.87
CA PRO A 74 -9.63 2.15 39.23
C PRO A 74 -10.82 1.81 38.39
N GLY A 75 -10.84 0.58 37.91
CA GLY A 75 -11.93 0.05 37.12
C GLY A 75 -11.56 -0.15 35.67
N CYS A 76 -10.52 0.52 35.22
CA CYS A 76 -10.24 0.58 33.79
C CYS A 76 -9.99 -0.74 33.13
N LEU A 77 -9.26 -1.61 33.79
CA LEU A 77 -8.89 -2.90 33.23
C LEU A 77 -10.09 -3.80 32.99
N ASN A 78 -11.03 -3.83 33.91
CA ASN A 78 -12.29 -4.51 33.67
C ASN A 78 -13.08 -3.87 32.53
N ALA A 79 -13.14 -2.55 32.53
CA ALA A 79 -13.87 -1.81 31.50
C ALA A 79 -13.27 -2.03 30.08
N ALA A 80 -11.93 -1.94 29.95
CA ALA A 80 -11.21 -2.12 28.70
C ALA A 80 -11.36 -3.56 28.14
N LEU A 81 -11.27 -4.59 29.01
CA LEU A 81 -11.45 -5.98 28.64
C LEU A 81 -12.91 -6.24 28.24
N GLU A 82 -13.88 -5.69 28.98
CA GLU A 82 -15.31 -5.82 28.64
C GLU A 82 -15.59 -5.19 27.27
N SER A 83 -15.04 -3.98 27.03
CA SER A 83 -15.19 -3.26 25.76
C SER A 83 -14.73 -4.13 24.58
N LEU A 84 -13.48 -4.65 24.63
CA LEU A 84 -12.89 -5.49 23.60
C LEU A 84 -13.68 -6.76 23.35
N CYS A 85 -14.08 -7.45 24.41
CA CYS A 85 -14.81 -8.70 24.30
C CYS A 85 -16.26 -8.53 23.85
N SER A 86 -17.02 -7.58 24.45
CA SER A 86 -18.43 -7.35 24.08
C SER A 86 -18.57 -6.93 22.64
N ILE A 87 -17.65 -6.06 22.15
CA ILE A 87 -17.69 -5.64 20.74
C ILE A 87 -17.19 -6.72 19.80
N ALA A 88 -16.17 -7.51 20.19
CA ALA A 88 -15.68 -8.62 19.35
C ALA A 88 -16.84 -9.62 19.13
N LEU A 89 -17.56 -9.91 20.24
CA LEU A 89 -18.75 -10.76 20.28
C LEU A 89 -19.85 -10.20 19.36
N GLN A 90 -20.03 -8.85 19.29
CA GLN A 90 -21.01 -8.18 18.43
C GLN A 90 -20.73 -8.52 16.96
N VAL A 91 -19.45 -8.31 16.52
CA VAL A 91 -19.05 -8.52 15.13
C VAL A 91 -19.03 -10.00 14.68
N GLU A 92 -18.62 -10.92 15.60
CA GLU A 92 -18.60 -12.37 15.34
C GLU A 92 -20.02 -12.92 15.14
N LYS A 93 -21.02 -12.33 15.83
CA LYS A 93 -22.42 -12.74 15.76
C LYS A 93 -23.20 -12.23 14.53
N SER A 94 -22.77 -11.08 13.96
CA SER A 94 -23.44 -10.48 12.81
C SER A 94 -23.16 -11.22 11.50
N GLY A 95 -24.21 -11.31 10.68
CA GLY A 95 -24.15 -11.92 9.35
C GLY A 95 -23.38 -11.08 8.34
N GLU A 96 -23.37 -9.74 8.54
CA GLU A 96 -22.65 -8.77 7.71
C GLU A 96 -21.15 -8.89 8.00
N GLU A 97 -20.32 -8.66 6.97
CA GLU A 97 -18.86 -8.66 7.15
C GLU A 97 -18.48 -7.36 7.87
N PHE A 98 -17.51 -7.44 8.80
CA PHE A 98 -17.04 -6.30 9.59
C PHE A 98 -16.61 -5.06 8.80
N GLU A 99 -17.24 -3.94 9.13
CA GLU A 99 -16.94 -2.61 8.58
C GLU A 99 -16.91 -1.62 9.76
N LEU A 100 -15.87 -0.77 9.77
CA LEU A 100 -15.68 0.31 10.73
C LEU A 100 -16.85 1.31 10.62
N SER A 101 -17.31 1.84 11.75
CA SER A 101 -18.37 2.85 11.82
C SER A 101 -18.09 3.75 12.99
N VAL A 102 -18.57 5.01 12.97
CA VAL A 102 -18.34 5.88 14.13
C VAL A 102 -19.14 5.41 15.34
N ASP A 103 -20.29 4.79 15.11
CA ASP A 103 -21.10 4.28 16.20
C ASP A 103 -20.31 3.26 17.00
N LEU A 104 -19.62 2.38 16.29
CA LEU A 104 -18.78 1.37 16.90
C LEU A 104 -17.73 2.01 17.79
N ILE A 105 -16.98 2.95 17.22
CA ILE A 105 -15.95 3.66 17.97
C ILE A 105 -16.54 4.34 19.19
N LYS A 106 -17.71 4.94 19.02
CA LYS A 106 -18.40 5.62 20.12
C LYS A 106 -18.79 4.66 21.24
N ARG A 107 -19.25 3.43 20.88
CA ARG A 107 -19.62 2.35 21.83
C ARG A 107 -18.40 1.88 22.60
N ILE A 108 -17.24 1.70 21.91
CA ILE A 108 -15.95 1.27 22.47
C ILE A 108 -15.54 2.22 23.60
N HIS A 109 -15.59 3.53 23.35
CA HIS A 109 -15.22 4.59 24.28
C HIS A 109 -16.15 4.64 25.50
N LYS A 110 -17.48 4.53 25.27
CA LYS A 110 -18.50 4.46 26.31
C LYS A 110 -18.16 3.24 27.22
N LYS A 111 -17.91 2.07 26.60
CA LYS A 111 -17.56 0.83 27.32
C LYS A 111 -16.28 0.96 28.15
N CYS A 112 -15.28 1.71 27.65
CA CYS A 112 -13.99 1.94 28.33
C CYS A 112 -14.12 2.85 29.55
N GLY A 113 -15.19 3.66 29.61
CA GLY A 113 -15.47 4.60 30.69
C GLY A 113 -16.34 4.06 31.81
N LYS A 114 -17.03 2.92 31.57
CA LYS A 114 -17.93 2.24 32.52
C LYS A 114 -17.24 2.00 33.87
N LYS A 115 -17.84 2.50 34.95
CA LYS A 115 -17.30 2.32 36.30
C LYS A 115 -16.00 3.09 36.59
N VAL A 116 -15.43 3.72 35.56
CA VAL A 116 -14.17 4.48 35.69
C VAL A 116 -14.54 5.95 36.00
N GLU A 117 -14.23 6.41 37.23
CA GLU A 117 -14.51 7.76 37.72
C GLU A 117 -13.69 8.83 37.00
N GLU A 118 -12.44 8.48 36.64
CA GLU A 118 -11.47 9.33 35.97
C GLU A 118 -11.93 9.63 34.58
N LEU A 119 -12.74 8.73 33.98
CA LEU A 119 -13.28 8.89 32.64
C LEU A 119 -14.73 9.37 32.59
N GLN A 120 -15.47 9.27 33.72
CA GLN A 120 -16.86 9.76 33.80
C GLN A 120 -16.89 11.29 33.67
N GLU A 121 -15.87 11.98 34.26
CA GLU A 121 -15.66 13.43 34.29
C GLU A 121 -15.73 14.07 32.89
N LYS A 122 -15.11 13.43 31.89
CA LYS A 122 -15.01 13.92 30.51
C LYS A 122 -16.03 13.27 29.53
N ASN A 123 -17.20 12.83 30.07
CA ASN A 123 -18.32 12.18 29.36
C ASN A 123 -18.00 11.13 28.27
N PRO A 124 -17.96 9.82 28.64
CA PRO A 124 -17.63 8.79 27.64
C PRO A 124 -18.72 8.56 26.59
N GLY A 125 -18.34 8.00 25.46
CA GLY A 125 -19.25 7.73 24.36
C GLY A 125 -19.49 8.91 23.44
N GLU A 126 -19.44 10.14 23.98
CA GLU A 126 -19.62 11.34 23.17
C GLU A 126 -18.31 11.97 22.72
N LEU A 127 -18.32 12.49 21.50
CA LEU A 127 -17.21 13.11 20.77
C LEU A 127 -16.82 14.49 21.26
N ARG A 128 -15.60 14.90 20.90
CA ARG A 128 -15.06 16.22 21.19
C ARG A 128 -15.56 17.11 20.05
N THR A 129 -15.62 18.41 20.33
CA THR A 129 -15.88 19.47 19.36
C THR A 129 -14.83 20.58 19.47
N ASP A 130 -15.06 21.57 20.34
CA ASP A 130 -14.09 22.65 20.57
C ASP A 130 -13.21 22.52 21.84
N GLU A 131 -13.38 21.41 22.60
CA GLU A 131 -12.63 21.10 23.84
C GLU A 131 -11.15 20.83 23.44
N PRO A 132 -10.13 21.46 24.08
CA PRO A 132 -8.75 21.18 23.65
C PRO A 132 -8.19 19.87 24.19
N VAL A 133 -7.40 19.22 23.35
CA VAL A 133 -6.66 18.04 23.73
C VAL A 133 -5.22 18.21 23.31
N SER A 134 -4.33 18.23 24.29
CA SER A 134 -2.92 18.45 24.06
C SER A 134 -2.10 17.51 24.90
N PHE A 135 -0.92 17.19 24.41
CA PHE A 135 0.03 16.33 25.11
C PHE A 135 1.40 16.59 24.52
N GLY A 136 2.40 16.18 25.28
CA GLY A 136 3.80 16.30 24.87
C GLY A 136 4.31 15.02 24.30
N ILE A 137 5.29 15.12 23.39
CA ILE A 137 5.86 13.95 22.76
C ILE A 137 7.38 13.95 22.92
N PRO A 138 7.94 12.86 23.48
CA PRO A 138 9.41 12.80 23.62
C PRO A 138 10.06 12.13 22.40
N ALA A 139 11.37 12.34 22.20
CA ALA A 139 12.14 11.75 21.11
C ALA A 139 11.87 10.25 20.97
N GLY A 140 11.86 9.52 22.10
CA GLY A 140 11.60 8.09 22.21
C GLY A 140 10.30 7.54 21.64
N ARG A 141 9.32 8.43 21.34
CA ARG A 141 8.01 8.05 20.77
C ARG A 141 7.86 8.59 19.33
N ALA A 142 8.98 9.07 18.78
CA ALA A 142 9.08 9.69 17.47
C ALA A 142 10.12 9.03 16.55
N SER A 143 10.00 9.29 15.22
CA SER A 143 10.91 8.89 14.16
C SER A 143 10.86 9.95 13.08
N ILE A 144 11.95 10.08 12.30
CA ILE A 144 12.03 11.06 11.19
C ILE A 144 10.89 10.82 10.14
N LYS A 145 10.70 9.55 9.68
CA LYS A 145 9.61 9.14 8.76
C LYS A 145 8.24 9.32 9.44
N GLY A 146 8.21 9.25 10.76
CA GLY A 146 7.01 9.47 11.54
C GLY A 146 6.54 10.92 11.51
N ILE A 147 7.49 11.85 11.78
CA ILE A 147 7.29 13.31 11.80
C ILE A 147 6.94 13.84 10.37
N GLU A 148 7.56 13.27 9.33
CA GLU A 148 7.33 13.57 7.90
C GLU A 148 5.86 13.28 7.56
N GLU A 149 5.36 12.08 7.95
CA GLU A 149 3.98 11.66 7.70
C GLU A 149 2.99 12.58 8.42
N PHE A 150 3.31 12.91 9.68
CA PHE A 150 2.57 13.79 10.58
C PHE A 150 2.34 15.21 10.03
N LEU A 151 3.41 15.86 9.55
CA LEU A 151 3.33 17.21 9.00
C LEU A 151 2.55 17.20 7.65
N SER A 152 2.65 16.06 6.91
CA SER A 152 2.03 15.76 5.62
C SER A 152 0.52 15.49 5.75
N LEU A 153 -0.01 15.41 6.98
CA LEU A 153 -1.43 15.16 7.17
C LEU A 153 -2.22 16.45 6.93
N VAL A 154 -2.93 16.52 5.78
CA VAL A 154 -3.68 17.71 5.42
C VAL A 154 -4.74 18.14 6.46
N PHE A 155 -5.40 17.14 7.13
CA PHE A 155 -6.40 17.41 8.17
C PHE A 155 -5.83 18.05 9.42
N LEU A 156 -4.50 18.00 9.59
CA LEU A 156 -3.86 18.63 10.73
C LEU A 156 -3.65 20.12 10.45
N THR A 157 -3.25 20.44 9.21
CA THR A 157 -3.10 21.82 8.70
C THR A 157 -4.51 22.49 8.63
N GLU A 158 -5.47 21.81 7.95
CA GLU A 158 -6.86 22.24 7.73
C GLU A 158 -7.67 22.45 9.03
N GLY A 159 -7.44 21.59 10.01
CA GLY A 159 -8.16 21.66 11.28
C GLY A 159 -7.56 22.60 12.31
N GLY A 160 -6.42 23.18 11.97
CA GLY A 160 -5.73 24.13 12.85
C GLY A 160 -5.04 23.51 14.04
N ALA A 161 -4.53 22.27 13.89
CA ALA A 161 -3.77 21.55 14.91
C ALA A 161 -2.43 22.25 15.09
N GLU A 162 -1.84 22.13 16.27
CA GLU A 162 -0.57 22.78 16.55
C GLU A 162 0.48 21.80 16.96
N PHE A 163 1.72 22.04 16.53
CA PHE A 163 2.84 21.18 16.84
C PHE A 163 4.17 21.95 16.77
N GLY A 164 5.03 21.74 17.77
CA GLY A 164 6.35 22.34 17.80
C GLY A 164 6.98 22.42 19.18
N PRO A 165 8.18 23.02 19.27
CA PRO A 165 8.83 23.15 20.58
C PRO A 165 8.17 24.23 21.42
N GLY A 166 8.19 24.03 22.73
CA GLY A 166 7.63 24.98 23.68
C GLY A 166 7.74 24.49 25.10
N LYS A 167 6.76 24.91 25.92
CA LYS A 167 6.63 24.55 27.35
C LYS A 167 5.16 24.31 27.69
N ALA A 168 4.90 23.64 28.81
CA ALA A 168 3.55 23.42 29.33
C ALA A 168 3.18 24.73 30.04
N GLY A 169 2.02 25.27 29.71
CA GLY A 169 1.58 26.52 30.29
C GLY A 169 0.35 26.41 31.15
N PRO A 170 -0.15 27.56 31.68
CA PRO A 170 -1.31 27.53 32.56
C PRO A 170 -2.59 26.94 31.96
N PHE A 171 -2.83 27.20 30.67
CA PHE A 171 -4.06 26.76 30.00
C PHE A 171 -3.84 25.78 28.86
N GLY A 172 -2.62 25.29 28.74
CA GLY A 172 -2.18 24.33 27.73
C GLY A 172 -0.78 24.68 27.26
N PRO A 173 -0.24 24.03 26.19
CA PRO A 173 1.13 24.34 25.79
C PRO A 173 1.32 25.75 25.27
N ARG A 174 2.50 26.31 25.62
CA ARG A 174 2.99 27.62 25.21
C ARG A 174 4.02 27.28 24.13
N PHE A 175 3.62 27.46 22.87
CA PHE A 175 4.41 27.15 21.67
C PHE A 175 5.41 28.23 21.33
N ASP A 176 6.67 27.83 21.08
CA ASP A 176 7.71 28.76 20.64
C ASP A 176 7.57 28.86 19.12
N LYS A 177 7.30 27.70 18.48
CA LYS A 177 7.10 27.53 17.04
C LYS A 177 5.96 26.53 16.80
N ASN A 178 5.12 26.78 15.80
CA ASN A 178 4.06 25.87 15.36
C ASN A 178 4.40 25.54 13.91
N TYR A 179 4.80 24.29 13.66
CA TYR A 179 5.21 23.79 12.36
C TYR A 179 4.12 23.74 11.30
N PHE A 180 2.84 23.72 11.73
CA PHE A 180 1.65 23.76 10.85
C PHE A 180 1.26 25.19 10.39
N LYS A 181 1.93 26.21 10.96
CA LYS A 181 1.75 27.60 10.60
C LYS A 181 2.73 27.86 9.47
N ASN A 182 2.18 28.19 8.27
CA ASN A 182 2.92 28.48 7.04
C ASN A 182 3.89 27.36 6.66
N LEU A 183 3.37 26.12 6.65
CA LEU A 183 4.17 24.97 6.29
C LEU A 183 4.26 24.79 4.79
N ASN A 184 5.49 24.95 4.26
CA ASN A 184 5.79 24.69 2.86
C ASN A 184 6.06 23.18 2.81
N PRO A 185 5.23 22.40 2.08
CA PRO A 185 5.39 20.94 2.06
C PRO A 185 6.72 20.40 1.53
N GLU A 186 7.42 21.19 0.69
CA GLU A 186 8.72 20.85 0.10
C GLU A 186 9.78 20.75 1.19
N GLN A 187 9.64 21.60 2.23
CA GLN A 187 10.53 21.67 3.39
C GLN A 187 10.37 20.51 4.38
N ILE A 188 9.19 19.83 4.37
CA ILE A 188 8.87 18.72 5.29
C ILE A 188 10.02 17.69 5.53
N PRO A 189 10.68 17.08 4.50
CA PRO A 189 11.73 16.08 4.79
C PRO A 189 12.89 16.52 5.69
N ASP A 190 13.42 17.74 5.47
CA ASP A 190 14.52 18.30 6.25
C ASP A 190 14.06 18.78 7.61
N LEU A 191 12.81 19.26 7.70
CA LEU A 191 12.19 19.74 8.93
C LEU A 191 11.99 18.58 9.89
N ALA A 192 11.64 17.39 9.35
CA ALA A 192 11.45 16.17 10.13
C ALA A 192 12.77 15.72 10.78
N LYS A 193 13.89 15.89 10.06
CA LYS A 193 15.22 15.55 10.58
C LYS A 193 15.58 16.53 11.71
N GLN A 194 15.24 17.83 11.52
CA GLN A 194 15.52 18.91 12.46
C GLN A 194 14.69 18.75 13.73
N ILE A 195 13.34 18.53 13.59
CA ILE A 195 12.43 18.31 14.72
C ILE A 195 12.93 17.12 15.57
N TYR A 196 13.31 16.01 14.92
CA TYR A 196 13.83 14.82 15.60
C TYR A 196 15.12 15.11 16.39
N PHE A 197 16.11 15.77 15.74
CA PHE A 197 17.40 16.15 16.33
C PHE A 197 17.15 17.03 17.55
N ASP A 198 16.23 18.02 17.42
CA ASP A 198 15.82 18.94 18.49
C ASP A 198 15.24 18.16 19.66
N MET A 199 14.36 17.18 19.38
CA MET A 199 13.72 16.32 20.39
C MET A 199 14.73 15.49 21.21
N CYS A 200 15.82 15.03 20.53
CA CYS A 200 16.95 14.27 21.09
C CYS A 200 17.79 15.15 21.97
N LYS A 201 18.04 16.38 21.50
CA LYS A 201 18.84 17.41 22.18
C LYS A 201 18.29 17.64 23.58
N TYR A 202 16.95 17.63 23.73
CA TYR A 202 16.30 17.81 25.04
C TYR A 202 16.39 16.58 25.93
N GLY A 203 16.36 15.39 25.33
CA GLY A 203 16.43 14.12 26.02
C GLY A 203 15.41 13.16 25.45
N HIS A 204 15.82 11.89 25.25
CA HIS A 204 15.02 10.79 24.69
C HIS A 204 13.68 10.64 25.39
N SER A 205 13.68 10.64 26.76
CA SER A 205 12.47 10.47 27.57
C SER A 205 11.88 11.79 28.11
N ASN A 206 12.50 12.93 27.79
CA ASN A 206 12.03 14.24 28.19
C ASN A 206 11.13 14.85 27.09
N THR A 207 10.12 15.63 27.51
CA THR A 207 9.11 16.30 26.67
C THR A 207 9.37 17.81 26.54
N ASN A 208 9.69 18.24 25.31
CA ASN A 208 10.02 19.62 24.86
C ASN A 208 9.07 20.04 23.77
N HIS A 209 8.58 19.06 23.01
CA HIS A 209 7.68 19.23 21.87
C HIS A 209 6.27 18.88 22.27
N PHE A 210 5.35 19.77 21.92
CA PHE A 210 3.96 19.68 22.32
C PHE A 210 3.04 19.64 21.14
N TYR A 211 1.90 18.98 21.34
CA TYR A 211 0.89 18.84 20.30
C TYR A 211 -0.49 19.23 20.80
N LEU A 212 -1.09 20.24 20.13
CA LEU A 212 -2.47 20.69 20.38
C LEU A 212 -3.31 20.20 19.20
N ALA A 213 -4.27 19.32 19.48
CA ALA A 213 -5.14 18.73 18.47
C ALA A 213 -6.16 19.69 17.87
N VAL A 214 -6.79 19.23 16.79
CA VAL A 214 -7.81 19.90 15.99
C VAL A 214 -9.03 20.23 16.86
N MET A 215 -9.57 21.47 16.76
CA MET A 215 -10.74 21.87 17.54
C MET A 215 -11.97 22.20 16.67
N LYS A 216 -11.91 21.78 15.39
CA LYS A 216 -13.01 21.99 14.42
C LYS A 216 -13.17 20.82 13.48
N ASN A 217 -14.43 20.40 13.24
CA ASN A 217 -14.85 19.30 12.34
C ASN A 217 -14.31 17.91 12.67
N VAL A 218 -14.08 17.63 13.98
CA VAL A 218 -13.60 16.32 14.42
C VAL A 218 -14.54 15.20 13.97
N ASP A 219 -15.86 15.47 13.98
CA ASP A 219 -16.90 14.53 13.56
C ASP A 219 -16.78 14.19 12.06
N VAL A 220 -16.40 15.19 11.23
CA VAL A 220 -16.20 15.01 9.78
C VAL A 220 -14.95 14.18 9.55
N TYR A 221 -13.86 14.51 10.27
CA TYR A 221 -12.57 13.84 10.17
C TYR A 221 -12.68 12.39 10.65
N LEU A 222 -13.44 12.14 11.71
CA LEU A 222 -13.66 10.78 12.22
C LEU A 222 -14.36 9.91 11.16
N GLU A 223 -15.36 10.47 10.45
CA GLU A 223 -16.12 9.83 9.38
C GLU A 223 -15.26 9.59 8.14
N LYS A 224 -14.45 10.60 7.77
CA LYS A 224 -13.56 10.54 6.62
C LYS A 224 -12.48 9.46 6.78
N ILE A 225 -11.91 9.31 8.01
CA ILE A 225 -10.92 8.27 8.36
C ILE A 225 -11.60 6.88 8.27
N THR A 226 -12.84 6.79 8.81
CA THR A 226 -13.67 5.57 8.80
C THR A 226 -13.92 5.15 7.34
N GLN A 227 -14.35 6.12 6.48
CA GLN A 227 -14.62 5.96 5.05
C GLN A 227 -13.40 5.46 4.32
N SER A 228 -12.23 6.09 4.58
CA SER A 228 -10.95 5.78 3.96
C SER A 228 -10.54 4.34 4.28
N TYR A 229 -10.62 3.94 5.58
CA TYR A 229 -10.32 2.59 6.05
C TYR A 229 -11.15 1.56 5.27
N ASN A 230 -12.49 1.64 5.40
CA ASN A 230 -13.43 0.72 4.74
C ASN A 230 -13.19 0.55 3.24
N LYS A 231 -12.76 1.62 2.57
CA LYS A 231 -12.48 1.65 1.13
C LYS A 231 -11.11 1.03 0.82
N GLU A 232 -10.06 1.40 1.60
CA GLU A 232 -8.68 0.94 1.39
C GLU A 232 -8.41 -0.53 1.73
N ILE A 233 -9.07 -1.07 2.77
CA ILE A 233 -8.93 -2.46 3.19
C ILE A 233 -9.26 -3.50 2.11
N LYS A 234 -10.24 -3.19 1.25
CA LYS A 234 -10.70 -4.04 0.16
C LYS A 234 -9.69 -3.99 -0.99
N THR A 235 -8.81 -2.97 -1.00
CA THR A 235 -7.77 -2.75 -2.02
C THR A 235 -6.53 -3.64 -1.77
N ALA A 236 -6.18 -3.87 -0.49
CA ALA A 236 -5.01 -4.67 -0.08
C ALA A 236 -5.23 -6.15 -0.29
N GLU A 237 -4.32 -6.81 -1.01
CA GLU A 237 -4.42 -8.25 -1.27
C GLU A 237 -3.71 -9.09 -0.22
N THR A 238 -2.42 -8.76 0.08
CA THR A 238 -1.60 -9.46 1.06
C THR A 238 -1.97 -9.06 2.48
N LEU A 239 -1.50 -9.85 3.47
CA LEU A 239 -1.70 -9.63 4.90
C LEU A 239 -0.88 -8.40 5.32
N ASP A 240 0.35 -8.28 4.79
CA ASP A 240 1.23 -7.17 5.09
C ASP A 240 0.66 -5.84 4.58
N GLU A 241 -0.11 -5.86 3.46
CA GLU A 241 -0.76 -4.67 2.89
C GLU A 241 -1.94 -4.28 3.78
N LYS A 242 -2.69 -5.27 4.28
CA LYS A 242 -3.82 -5.04 5.17
C LYS A 242 -3.33 -4.41 6.49
N LEU A 243 -2.20 -4.90 7.03
CA LEU A 243 -1.59 -4.37 8.27
C LEU A 243 -1.20 -2.92 8.10
N LYS A 244 -0.66 -2.52 6.92
CA LYS A 244 -0.31 -1.13 6.69
C LYS A 244 -1.56 -0.26 6.66
N ILE A 245 -2.63 -0.70 5.96
CA ILE A 245 -3.91 0.02 5.95
C ILE A 245 -4.47 0.17 7.39
N ILE A 246 -4.44 -0.92 8.18
CA ILE A 246 -4.96 -0.94 9.55
C ILE A 246 -4.25 0.08 10.44
N VAL A 247 -2.91 0.06 10.47
CA VAL A 247 -2.11 0.97 11.31
C VAL A 247 -2.20 2.41 10.84
N LYS A 248 -2.14 2.62 9.51
CA LYS A 248 -2.23 3.91 8.83
C LYS A 248 -3.45 4.73 9.33
N HIS A 249 -4.59 4.04 9.53
CA HIS A 249 -5.87 4.58 9.95
C HIS A 249 -6.02 4.70 11.43
N ILE A 250 -5.52 3.69 12.22
CA ILE A 250 -5.47 3.70 13.70
C ILE A 250 -4.61 4.91 14.11
N ARG A 251 -3.51 5.16 13.37
CA ARG A 251 -2.62 6.30 13.58
C ARG A 251 -3.37 7.64 13.39
N MET A 252 -4.13 7.77 12.28
CA MET A 252 -4.91 8.97 11.95
C MET A 252 -5.97 9.24 12.98
N TYR A 253 -6.59 8.17 13.51
CA TYR A 253 -7.58 8.22 14.60
C TYR A 253 -6.90 8.64 15.88
N GLU A 254 -5.63 8.22 16.11
CA GLU A 254 -4.95 8.59 17.35
C GLU A 254 -4.53 10.05 17.24
N VAL A 255 -3.91 10.43 16.11
CA VAL A 255 -3.44 11.79 15.84
C VAL A 255 -4.62 12.79 15.92
N LEU A 256 -5.77 12.44 15.31
CA LEU A 256 -6.98 13.22 15.51
C LEU A 256 -7.40 12.67 16.88
N ALA A 257 -7.59 13.48 17.88
CA ALA A 257 -7.96 12.82 19.13
C ALA A 257 -9.48 13.09 19.25
N PRO A 258 -10.38 12.17 18.73
CA PRO A 258 -11.82 12.50 18.69
C PRO A 258 -12.53 12.64 20.02
N PHE A 259 -11.96 12.04 21.08
CA PHE A 259 -12.51 12.09 22.42
C PHE A 259 -11.56 12.88 23.30
N ARG A 260 -12.01 13.29 24.49
CA ARG A 260 -11.17 14.04 25.44
C ARG A 260 -10.05 13.17 26.05
N ASP A 261 -10.34 11.92 26.42
CA ASP A 261 -9.30 10.97 26.86
C ASP A 261 -9.73 9.60 26.41
N ALA A 262 -9.05 8.53 26.86
CA ALA A 262 -9.28 7.12 26.49
C ALA A 262 -9.15 6.92 24.96
N ASN A 263 -8.32 7.75 24.33
CA ASN A 263 -8.09 7.69 22.90
C ASN A 263 -7.23 6.49 22.57
N GLY A 264 -6.24 6.22 23.41
CA GLY A 264 -5.32 5.11 23.25
C GLY A 264 -5.99 3.77 23.39
N ARG A 265 -6.74 3.60 24.48
CA ARG A 265 -7.44 2.37 24.78
C ARG A 265 -8.43 2.02 23.67
N THR A 266 -9.24 3.03 23.27
CA THR A 266 -10.25 2.94 22.24
C THR A 266 -9.71 2.48 20.89
N PHE A 267 -8.59 3.08 20.46
CA PHE A 267 -8.05 2.85 19.13
C PHE A 267 -7.03 1.80 18.97
N VAL A 268 -6.06 1.71 19.90
CA VAL A 268 -4.98 0.74 19.80
C VAL A 268 -5.19 -0.54 20.62
N ASN A 269 -5.77 -0.44 21.81
CA ASN A 269 -6.02 -1.62 22.66
C ASN A 269 -7.35 -2.30 22.33
N ASN A 270 -8.24 -1.56 21.70
CA ASN A 270 -9.56 -2.06 21.31
C ASN A 270 -9.72 -2.15 19.79
N LEU A 271 -10.06 -1.04 19.15
CA LEU A 271 -10.26 -1.02 17.71
C LEU A 271 -9.26 -1.87 16.92
N LEU A 272 -7.94 -1.58 17.07
CA LEU A 272 -6.87 -2.30 16.37
C LEU A 272 -6.95 -3.82 16.45
N ASN A 273 -7.22 -4.37 17.64
CA ASN A 273 -7.31 -5.82 17.84
C ASN A 273 -8.41 -6.52 17.06
N ILE A 274 -9.46 -5.79 16.62
CA ILE A 274 -10.56 -6.38 15.85
C ILE A 274 -10.11 -6.71 14.41
N PRO A 275 -9.67 -5.72 13.56
CA PRO A 275 -9.18 -6.09 12.23
C PRO A 275 -7.99 -7.05 12.27
N LEU A 276 -7.23 -7.13 13.40
CA LEU A 276 -6.14 -8.12 13.53
C LEU A 276 -6.79 -9.50 13.64
N MET A 277 -7.83 -9.60 14.48
CA MET A 277 -8.57 -10.84 14.69
C MET A 277 -9.43 -11.20 13.50
N GLN A 278 -9.73 -10.22 12.64
CA GLN A 278 -10.47 -10.45 11.40
C GLN A 278 -9.54 -11.14 10.36
N GLN A 279 -8.22 -10.84 10.44
CA GLN A 279 -7.22 -11.47 9.56
C GLN A 279 -6.77 -12.85 10.14
N GLY A 280 -7.32 -13.24 11.28
CA GLY A 280 -6.99 -14.48 11.96
C GLY A 280 -5.74 -14.41 12.81
N LEU A 281 -5.22 -13.19 13.04
CA LEU A 281 -4.03 -12.90 13.84
C LEU A 281 -4.42 -12.70 15.29
N PRO A 282 -3.49 -12.96 16.25
CA PRO A 282 -3.81 -12.71 17.66
C PRO A 282 -3.91 -11.22 17.99
N PRO A 283 -4.51 -10.85 19.17
CA PRO A 283 -4.50 -9.43 19.58
C PRO A 283 -3.10 -9.00 19.98
N ALA A 284 -2.87 -7.70 20.13
CA ALA A 284 -1.54 -7.14 20.40
C ALA A 284 -1.15 -6.79 21.86
N THR A 285 -0.09 -7.43 22.37
CA THR A 285 0.46 -7.19 23.71
C THR A 285 1.62 -6.19 23.56
N PHE A 286 1.38 -4.91 23.86
CA PHE A 286 2.37 -3.85 23.66
C PHE A 286 3.33 -3.59 24.77
N TYR A 287 4.57 -3.23 24.40
CA TYR A 287 5.57 -2.78 25.36
C TYR A 287 5.30 -1.27 25.65
N GLU A 288 5.18 -0.47 24.57
CA GLU A 288 4.99 0.97 24.54
C GLU A 288 4.03 1.26 23.37
N PRO A 289 2.71 1.30 23.62
CA PRO A 289 1.76 1.53 22.52
C PRO A 289 1.66 3.01 22.11
N ASN A 290 2.17 3.91 22.96
CA ASN A 290 2.10 5.37 22.75
C ASN A 290 3.04 5.91 21.68
N VAL A 291 3.14 5.20 20.51
CA VAL A 291 3.93 5.58 19.34
C VAL A 291 3.04 5.82 18.09
N PHE A 292 1.71 5.80 18.26
CA PHE A 292 0.78 6.02 17.12
C PHE A 292 0.61 7.47 16.65
N ASP A 293 1.39 8.40 17.20
CA ASP A 293 1.31 9.79 16.79
C ASP A 293 2.46 10.09 15.82
N LEU A 294 3.72 9.88 16.28
CA LEU A 294 4.92 10.26 15.55
C LEU A 294 5.75 9.15 14.93
N TYR A 295 5.16 7.96 14.74
CA TYR A 295 5.82 6.85 14.01
C TYR A 295 5.10 6.77 12.66
N SER A 296 5.79 6.27 11.63
CA SER A 296 5.24 6.07 10.28
C SER A 296 4.48 4.74 10.21
N ALA A 297 3.49 4.61 9.30
CA ALA A 297 2.70 3.37 9.14
C ALA A 297 3.55 2.10 9.00
N GLU A 298 4.62 2.17 8.20
CA GLU A 298 5.57 1.08 7.95
C GLU A 298 6.25 0.68 9.28
N GLU A 299 6.68 1.68 10.07
CA GLU A 299 7.33 1.44 11.36
C GLU A 299 6.33 0.92 12.39
N LEU A 300 5.04 1.25 12.21
CA LEU A 300 3.98 0.80 13.11
C LEU A 300 3.57 -0.64 12.80
N VAL A 301 3.74 -1.11 11.53
CA VAL A 301 3.47 -2.50 11.14
C VAL A 301 4.40 -3.38 12.03
N VAL A 302 5.72 -3.03 12.07
CA VAL A 302 6.75 -3.71 12.87
C VAL A 302 6.37 -3.69 14.35
N VAL A 303 5.93 -2.51 14.87
CA VAL A 303 5.55 -2.32 16.28
C VAL A 303 4.38 -3.27 16.62
N VAL A 304 3.40 -3.32 15.73
CA VAL A 304 2.22 -4.18 15.89
C VAL A 304 2.62 -5.67 15.80
N LYS A 305 3.46 -6.07 14.80
CA LYS A 305 3.96 -7.45 14.62
C LYS A 305 4.67 -7.90 15.86
N GLU A 306 5.61 -7.08 16.41
CA GLU A 306 6.31 -7.32 17.68
C GLU A 306 5.30 -7.56 18.83
N ALA A 307 4.24 -6.76 18.89
CA ALA A 307 3.17 -6.89 19.90
C ALA A 307 2.31 -8.14 19.71
N ILE A 308 2.12 -8.60 18.44
CA ILE A 308 1.38 -9.83 18.10
C ILE A 308 2.24 -11.04 18.57
N PHE A 309 3.57 -10.93 18.32
CA PHE A 309 4.60 -11.87 18.72
C PHE A 309 4.64 -12.06 20.27
N ASN A 310 4.37 -11.00 21.06
CA ASN A 310 4.32 -11.08 22.55
C ASN A 310 3.13 -11.90 23.04
N THR A 311 1.97 -11.79 22.35
CA THR A 311 0.78 -12.59 22.65
C THR A 311 1.10 -14.06 22.39
N VAL A 312 1.80 -14.35 21.26
CA VAL A 312 2.23 -15.70 20.87
C VAL A 312 3.21 -16.27 21.91
N GLU A 313 4.19 -15.45 22.33
CA GLU A 313 5.15 -15.86 23.34
C GLU A 313 4.50 -16.17 24.68
N ILE A 314 3.53 -15.33 25.16
CA ILE A 314 2.81 -15.55 26.44
C ILE A 314 2.03 -16.88 26.38
N ILE A 315 1.20 -17.06 25.31
CA ILE A 315 0.35 -18.24 25.06
C ILE A 315 1.17 -19.54 24.99
N GLU A 316 2.31 -19.51 24.27
CA GLU A 316 3.19 -20.67 24.15
C GLU A 316 3.87 -21.02 25.49
N GLN A 317 4.38 -19.98 26.22
CA GLN A 317 5.01 -20.11 27.54
C GLN A 317 4.00 -20.66 28.54
N SER A 318 2.72 -20.27 28.40
CA SER A 318 1.68 -20.76 29.30
C SER A 318 1.30 -22.20 28.99
N LYS A 319 1.20 -22.57 27.69
CA LYS A 319 0.92 -23.93 27.20
C LYS A 319 1.96 -24.93 27.72
N ARG A 320 3.26 -24.55 27.64
CA ARG A 320 4.39 -25.40 28.06
C ARG A 320 4.55 -25.34 29.58
N LYS A 321 3.62 -24.63 30.27
CA LYS A 321 3.60 -24.38 31.71
C LYS A 321 4.94 -23.89 32.28
N THR A 322 5.53 -22.94 31.55
CA THR A 322 6.80 -22.28 31.88
C THR A 322 6.42 -20.91 32.47
N PRO A 323 7.03 -20.49 33.62
CA PRO A 323 6.68 -19.18 34.19
C PRO A 323 6.97 -18.03 33.21
N ILE A 324 5.97 -17.18 32.92
CA ILE A 324 6.17 -16.05 32.01
C ILE A 324 7.02 -14.90 32.65
N THR A 325 8.17 -14.58 31.99
CA THR A 325 9.20 -13.62 32.43
C THR A 325 9.45 -12.44 31.45
N LEU A 326 8.56 -12.25 30.43
CA LEU A 326 8.68 -11.18 29.44
C LEU A 326 8.76 -9.80 30.09
N TYR A 327 9.68 -8.99 29.54
CA TYR A 327 9.97 -7.62 29.96
C TYR A 327 10.50 -7.45 31.40
N GLY A 328 11.14 -8.50 31.90
CA GLY A 328 11.78 -8.55 33.20
C GLY A 328 10.86 -8.76 34.38
N TYR A 329 9.57 -9.03 34.12
CA TYR A 329 8.55 -9.21 35.15
C TYR A 329 8.17 -10.68 35.44
N HIS A 330 8.27 -11.08 36.72
CA HIS A 330 7.89 -12.41 37.22
C HIS A 330 6.74 -12.19 38.18
N SER A 331 5.50 -12.53 37.78
CA SER A 331 4.31 -12.39 38.63
C SER A 331 4.41 -13.23 39.90
N SER A 332 3.87 -12.70 41.01
CA SER A 332 3.86 -13.41 42.28
C SER A 332 2.46 -14.03 42.46
N LEU A 333 2.36 -15.12 43.24
CA LEU A 333 1.06 -15.75 43.50
C LEU A 333 0.05 -14.74 44.06
N GLU A 334 0.54 -13.74 44.82
CA GLU A 334 -0.26 -12.67 45.41
C GLU A 334 -0.84 -11.76 44.33
N GLU A 335 -0.03 -11.38 43.31
CA GLU A 335 -0.44 -10.54 42.19
C GLU A 335 -1.47 -11.25 41.32
N GLN A 336 -1.25 -12.55 41.04
CA GLN A 336 -2.14 -13.41 40.25
C GLN A 336 -3.52 -13.59 40.94
N THR A 337 -3.55 -13.97 42.26
CA THR A 337 -4.82 -14.13 42.96
C THR A 337 -5.57 -12.80 43.04
N LYS A 338 -4.88 -11.68 43.42
CA LYS A 338 -5.51 -10.34 43.45
C LYS A 338 -6.18 -9.99 42.14
N PHE A 339 -5.54 -10.30 40.98
CA PHE A 339 -6.08 -10.06 39.65
C PHE A 339 -7.28 -10.97 39.33
N ARG A 340 -7.22 -12.24 39.75
CA ARG A 340 -8.28 -13.23 39.53
C ARG A 340 -9.54 -12.81 40.32
N ASP A 341 -9.34 -12.28 41.55
CA ASP A 341 -10.42 -11.82 42.45
C ASP A 341 -11.03 -10.51 41.92
N MET A 342 -10.21 -9.70 41.23
CA MET A 342 -10.59 -8.41 40.64
C MET A 342 -11.26 -8.56 39.26
N LEU A 343 -10.95 -9.66 38.53
CA LEU A 343 -11.51 -9.88 37.20
C LEU A 343 -13.02 -10.06 37.22
N ASP A 344 -13.71 -9.23 36.43
CA ASP A 344 -15.14 -9.28 36.22
C ASP A 344 -15.43 -8.76 34.83
N SER A 345 -15.55 -9.69 33.87
CA SER A 345 -15.85 -9.39 32.48
C SER A 345 -16.73 -10.50 31.89
N PRO A 346 -18.08 -10.34 31.96
CA PRO A 346 -18.98 -11.38 31.43
C PRO A 346 -18.77 -11.76 29.97
N SER A 347 -18.41 -10.79 29.10
CA SER A 347 -18.14 -11.06 27.69
C SER A 347 -16.84 -11.86 27.52
N TYR A 348 -15.86 -11.65 28.42
CA TYR A 348 -14.61 -12.41 28.37
C TYR A 348 -14.84 -13.87 28.75
N GLU A 349 -15.71 -14.10 29.74
CA GLU A 349 -16.11 -15.44 30.18
C GLU A 349 -16.79 -16.15 29.01
N LYS A 350 -17.69 -15.45 28.28
CA LYS A 350 -18.40 -15.96 27.09
C LYS A 350 -17.43 -16.48 26.03
N ILE A 351 -16.31 -15.75 25.84
CA ILE A 351 -15.25 -16.08 24.89
C ILE A 351 -14.44 -17.27 25.41
N LYS A 352 -14.22 -17.36 26.74
CA LYS A 352 -13.45 -18.42 27.37
C LYS A 352 -14.18 -19.76 27.31
N HIS A 353 -15.53 -19.71 27.34
CA HIS A 353 -16.37 -20.89 27.25
C HIS A 353 -17.00 -21.02 25.86
N MET A 354 -16.35 -20.42 24.84
CA MET A 354 -16.76 -20.42 23.42
C MET A 354 -16.18 -21.63 22.69
N ASP A 355 -16.88 -22.12 21.64
CA ASP A 355 -16.50 -23.28 20.85
C ASP A 355 -15.71 -22.91 19.61
N PHE A 356 -14.57 -23.59 19.37
CA PHE A 356 -13.72 -23.35 18.21
C PHE A 356 -13.32 -24.64 17.46
N SER A 357 -14.25 -25.60 17.41
CA SER A 357 -14.09 -26.91 16.77
C SER A 357 -13.99 -26.82 15.25
N ASP A 358 -14.76 -25.91 14.63
CA ASP A 358 -14.74 -25.69 13.18
C ASP A 358 -13.84 -24.50 12.84
N LEU A 359 -12.62 -24.58 13.39
CA LEU A 359 -11.53 -23.61 13.24
C LEU A 359 -10.25 -24.45 13.35
N ASN A 360 -9.36 -24.35 12.33
CA ASN A 360 -8.10 -25.10 12.34
C ASN A 360 -7.03 -24.31 13.11
N PRO A 361 -6.61 -24.77 14.32
CA PRO A 361 -5.60 -24.03 15.08
C PRO A 361 -4.24 -24.04 14.40
N GLU A 362 -3.88 -25.16 13.75
CA GLU A 362 -2.60 -25.33 13.05
C GLU A 362 -2.42 -24.33 11.91
N LYS A 363 -3.42 -24.22 11.01
CA LYS A 363 -3.41 -23.27 9.90
C LYS A 363 -3.33 -21.85 10.49
N LEU A 364 -4.13 -21.57 11.54
CA LEU A 364 -4.16 -20.29 12.27
C LEU A 364 -2.76 -19.92 12.81
N HIS A 365 -2.09 -20.89 13.48
CA HIS A 365 -0.71 -20.79 14.01
C HIS A 365 0.33 -20.60 12.89
N LEU A 366 0.20 -21.35 11.77
CA LEU A 366 1.10 -21.27 10.61
C LEU A 366 1.01 -19.91 9.91
N LYS A 367 -0.20 -19.30 9.88
CA LYS A 367 -0.41 -18.01 9.26
C LYS A 367 0.24 -16.93 10.07
N THR A 368 0.11 -16.97 11.40
CA THR A 368 0.76 -15.95 12.19
C THR A 368 2.29 -16.11 12.22
N GLN A 369 2.78 -17.35 12.21
CA GLN A 369 4.22 -17.64 12.17
C GLN A 369 4.84 -17.04 10.87
N LYS A 370 4.18 -17.25 9.70
CA LYS A 370 4.61 -16.68 8.42
C LYS A 370 4.51 -15.13 8.45
N CYS A 371 3.40 -14.57 8.98
CA CYS A 371 3.23 -13.12 9.11
C CYS A 371 4.35 -12.54 9.95
N LEU A 372 4.67 -13.19 11.10
CA LEU A 372 5.71 -12.73 12.02
C LEU A 372 7.16 -12.94 11.57
N SER A 373 7.42 -13.83 10.60
CA SER A 373 8.79 -14.11 10.10
C SER A 373 9.64 -12.87 9.72
N SER A 374 9.00 -11.75 9.36
CA SER A 374 9.67 -10.50 8.98
C SER A 374 10.59 -9.98 10.10
N LEU A 375 10.12 -10.17 11.36
CA LEU A 375 10.78 -9.82 12.62
C LEU A 375 12.06 -10.62 12.83
N ASN A 376 12.24 -11.74 12.14
CA ASN A 376 13.38 -12.62 12.41
C ASN A 376 14.77 -12.05 12.12
N GLU A 377 14.98 -11.59 10.89
CA GLU A 377 16.24 -10.98 10.46
C GLU A 377 16.11 -9.47 10.57
N GLN A 378 16.28 -8.98 11.82
CA GLN A 378 16.32 -7.60 12.29
C GLN A 378 16.85 -7.55 13.75
N TYR A 379 17.97 -6.81 13.95
CA TYR A 379 18.69 -6.68 15.24
C TYR A 379 18.71 -8.03 15.98
N PRO A 380 19.34 -9.08 15.39
CA PRO A 380 19.32 -10.40 16.01
C PRO A 380 19.70 -10.48 17.49
N LEU A 381 20.72 -9.73 17.93
CA LEU A 381 21.20 -9.79 19.31
C LEU A 381 20.26 -9.15 20.30
N HIS A 382 19.68 -7.99 19.94
CA HIS A 382 18.73 -7.25 20.76
C HIS A 382 17.46 -8.09 21.05
N ARG A 383 16.87 -8.73 20.01
CA ARG A 383 15.69 -9.58 20.09
C ARG A 383 16.03 -10.82 20.89
N GLY A 384 17.26 -11.31 20.69
CA GLY A 384 17.81 -12.42 21.45
C GLY A 384 17.82 -12.07 22.92
N ALA A 385 18.34 -10.88 23.27
CA ALA A 385 18.37 -10.37 24.64
C ALA A 385 16.96 -10.26 25.26
N ILE A 386 15.93 -10.02 24.46
CA ILE A 386 14.56 -9.90 24.99
C ILE A 386 13.86 -11.26 25.15
N TYR A 387 13.91 -12.09 24.10
CA TYR A 387 13.21 -13.36 23.98
C TYR A 387 13.96 -14.64 24.30
N LEU A 388 15.27 -14.69 24.02
CA LEU A 388 16.07 -15.91 24.18
C LEU A 388 16.52 -16.23 25.58
N SER A 389 16.28 -17.46 26.02
CA SER A 389 16.64 -17.87 27.39
C SER A 389 17.56 -19.08 27.40
N ASP A 390 17.52 -19.91 26.34
CA ASP A 390 18.37 -21.08 26.20
C ASP A 390 19.84 -20.68 25.97
N PRO A 391 20.76 -21.15 26.85
CA PRO A 391 22.18 -20.78 26.73
C PRO A 391 22.87 -21.27 25.45
N GLY A 392 22.36 -22.35 24.87
CA GLY A 392 22.91 -22.93 23.65
C GLY A 392 22.56 -22.11 22.44
N GLU A 393 21.33 -21.60 22.44
CA GLU A 393 20.83 -20.75 21.36
C GLU A 393 21.56 -19.40 21.46
N ILE A 394 21.69 -18.88 22.68
CA ILE A 394 22.39 -17.62 22.97
C ILE A 394 23.85 -17.70 22.52
N LYS A 395 24.56 -18.79 22.90
CA LYS A 395 25.96 -19.01 22.54
C LYS A 395 26.18 -19.03 21.04
N LEU A 396 25.21 -19.62 20.29
CA LEU A 396 25.20 -19.73 18.83
C LEU A 396 24.92 -18.35 18.17
N LEU A 397 23.96 -17.59 18.73
CA LEU A 397 23.61 -16.24 18.27
C LEU A 397 24.81 -15.29 18.38
N LEU A 398 25.58 -15.40 19.47
CA LEU A 398 26.71 -14.53 19.71
C LEU A 398 28.04 -14.98 19.13
N SER A 399 28.05 -16.16 18.48
CA SER A 399 29.21 -16.72 17.81
C SER A 399 29.45 -15.96 16.52
N ASN A 400 30.74 -15.60 16.28
CA ASN A 400 31.21 -14.84 15.12
C ASN A 400 30.56 -13.44 14.96
N ARG A 401 30.33 -12.78 16.11
CA ARG A 401 29.79 -11.43 16.18
C ARG A 401 30.93 -10.52 16.62
N ASN A 402 31.15 -9.40 15.92
CA ASN A 402 32.24 -8.49 16.25
C ASN A 402 31.90 -7.46 17.35
N GLU A 403 32.90 -6.61 17.68
CA GLU A 403 32.82 -5.55 18.70
C GLU A 403 31.71 -4.53 18.37
N SER A 404 31.58 -4.10 17.10
CA SER A 404 30.54 -3.17 16.70
C SER A 404 29.15 -3.82 16.76
N GLN A 405 29.07 -5.13 16.42
CA GLN A 405 27.81 -5.88 16.44
C GLN A 405 27.29 -6.07 17.84
N ILE A 406 28.14 -6.56 18.77
CA ILE A 406 27.75 -6.78 20.17
C ILE A 406 27.49 -5.48 20.95
N ASN A 407 28.15 -4.35 20.56
CA ASN A 407 27.97 -3.04 21.21
C ASN A 407 27.00 -2.11 20.45
N GLN A 408 26.35 -2.63 19.39
CA GLN A 408 25.39 -1.89 18.56
C GLN A 408 24.22 -1.32 19.33
N GLN A 409 23.90 -0.07 19.02
CA GLN A 409 22.78 0.69 19.57
C GLN A 409 21.82 1.01 18.41
N ILE A 410 20.60 0.50 18.44
CA ILE A 410 19.61 0.69 17.40
C ILE A 410 19.20 2.14 17.25
N GLU A 411 19.16 2.62 16.01
CA GLU A 411 18.78 3.99 15.67
C GLU A 411 17.26 4.16 15.60
N GLN A 412 16.81 5.41 15.50
CA GLN A 412 15.40 5.82 15.38
C GLN A 412 14.67 5.06 14.22
N GLY A 413 13.40 4.69 14.47
CA GLY A 413 12.53 3.96 13.54
C GLY A 413 12.17 2.54 13.97
N ALA A 414 13.06 1.92 14.73
CA ALA A 414 12.79 0.58 15.22
C ALA A 414 11.75 0.67 16.37
N PRO A 415 10.99 -0.40 16.71
CA PRO A 415 10.06 -0.31 17.84
C PRO A 415 10.76 0.35 19.04
N PRO A 416 10.04 1.25 19.80
CA PRO A 416 10.66 2.03 20.88
C PRO A 416 11.62 1.35 21.86
N ILE A 417 11.38 0.08 22.23
CA ILE A 417 12.24 -0.64 23.17
C ILE A 417 13.71 -0.67 22.73
N TYR A 418 13.95 -0.82 21.42
CA TYR A 418 15.29 -0.96 20.87
C TYR A 418 16.09 0.33 20.83
N VAL A 419 15.44 1.47 20.50
CA VAL A 419 16.09 2.77 20.32
C VAL A 419 17.11 3.18 21.37
N GLY A 420 18.35 3.27 20.89
CA GLY A 420 19.57 3.70 21.59
C GLY A 420 20.15 2.67 22.51
N LYS A 421 19.56 1.48 22.55
CA LYS A 421 19.96 0.43 23.47
C LYS A 421 20.89 -0.59 22.87
N THR A 422 21.79 -1.15 23.72
CA THR A 422 22.76 -2.19 23.35
C THR A 422 22.12 -3.54 23.69
N PRO A 423 22.60 -4.69 23.17
CA PRO A 423 22.03 -5.97 23.62
C PRO A 423 22.09 -6.08 25.15
N ALA A 424 23.18 -5.55 25.78
CA ALA A 424 23.39 -5.53 27.23
C ALA A 424 22.34 -4.77 28.06
N HIS A 425 21.86 -3.60 27.57
CA HIS A 425 20.80 -2.81 28.26
C HIS A 425 19.52 -3.66 28.31
N LEU A 426 19.16 -4.18 27.14
CA LEU A 426 18.03 -5.08 26.86
C LEU A 426 18.07 -6.39 27.62
N ALA A 427 19.28 -6.96 27.82
CA ALA A 427 19.43 -8.19 28.58
C ALA A 427 19.12 -7.90 30.06
N VAL A 428 19.58 -6.74 30.55
CA VAL A 428 19.34 -6.26 31.91
C VAL A 428 17.85 -5.93 32.13
N ILE A 429 17.20 -5.19 31.22
CA ILE A 429 15.78 -4.91 31.41
C ILE A 429 14.89 -6.17 31.36
N SER A 430 15.32 -7.19 30.62
CA SER A 430 14.59 -8.46 30.46
C SER A 430 14.86 -9.51 31.51
N GLY A 431 15.87 -9.28 32.36
CA GLY A 431 16.32 -10.24 33.36
C GLY A 431 16.98 -11.46 32.74
N ASN A 432 17.60 -11.27 31.54
CA ASN A 432 18.22 -12.32 30.73
C ASN A 432 19.62 -12.64 31.20
N MET A 433 19.69 -13.48 32.22
CA MET A 433 20.91 -13.94 32.87
C MET A 433 21.87 -14.56 31.88
N ALA A 434 21.36 -15.49 31.07
CA ALA A 434 22.14 -16.24 30.10
C ALA A 434 22.72 -15.35 28.99
N MET A 435 21.97 -14.33 28.55
CA MET A 435 22.43 -13.37 27.54
C MET A 435 23.48 -12.44 28.16
N LEU A 436 23.21 -11.89 29.37
CA LEU A 436 24.18 -11.03 30.07
C LEU A 436 25.50 -11.78 30.33
N ASP A 437 25.42 -13.08 30.72
CA ASP A 437 26.58 -13.94 30.98
C ASP A 437 27.44 -14.12 29.73
N GLU A 438 26.79 -14.31 28.59
CA GLU A 438 27.40 -14.46 27.27
C GLU A 438 28.02 -13.16 26.75
N LEU A 439 27.33 -12.00 26.97
CA LEU A 439 27.79 -10.66 26.58
C LEU A 439 29.05 -10.26 27.39
N ILE A 440 29.09 -10.62 28.68
CA ILE A 440 30.25 -10.40 29.56
C ILE A 440 31.45 -11.22 29.04
N ALA A 441 31.17 -12.48 28.63
CA ALA A 441 32.15 -13.39 28.04
C ALA A 441 32.67 -12.88 26.68
N LYS A 442 31.77 -12.26 25.84
CA LYS A 442 32.15 -11.70 24.54
C LYS A 442 32.78 -10.30 24.71
N LYS A 443 32.89 -9.84 25.98
CA LYS A 443 33.51 -8.58 26.40
C LYS A 443 32.78 -7.31 25.93
N ALA A 444 31.44 -7.30 26.08
CA ALA A 444 30.56 -6.19 25.75
C ALA A 444 30.85 -5.01 26.65
N ASP A 445 30.87 -3.80 26.09
CA ASP A 445 31.09 -2.59 26.87
C ASP A 445 29.84 -2.29 27.71
N LEU A 446 29.95 -2.49 29.02
CA LEU A 446 28.90 -2.30 30.00
C LEU A 446 28.78 -0.84 30.48
N SER A 447 29.70 0.04 30.01
CA SER A 447 29.73 1.46 30.36
C SER A 447 28.99 2.35 29.32
N LEU A 448 28.54 1.76 28.20
CA LEU A 448 27.80 2.48 27.15
C LEU A 448 26.46 2.97 27.68
N GLN A 449 26.23 4.27 27.46
CA GLN A 449 25.02 4.94 27.90
C GLN A 449 24.01 4.91 26.76
N ASP A 450 22.74 4.64 27.08
CA ASP A 450 21.69 4.68 26.06
C ASP A 450 21.26 6.13 25.83
N TYR A 451 20.23 6.36 25.01
CA TYR A 451 19.79 7.73 24.73
C TYR A 451 19.22 8.51 25.95
N ASP A 452 19.05 7.83 27.13
CA ASP A 452 18.58 8.40 28.41
C ASP A 452 19.76 8.63 29.38
N GLY A 453 20.97 8.28 28.93
CA GLY A 453 22.21 8.43 29.68
C GLY A 453 22.45 7.31 30.66
N LYS A 454 21.65 6.24 30.56
CA LYS A 454 21.70 5.06 31.44
C LYS A 454 22.58 3.96 30.93
N THR A 455 23.34 3.33 31.85
CA THR A 455 24.20 2.19 31.55
C THR A 455 23.47 0.92 31.95
N ALA A 456 24.07 -0.23 31.67
CA ALA A 456 23.52 -1.52 32.07
C ALA A 456 23.31 -1.53 33.61
N LEU A 457 24.22 -0.84 34.35
CA LEU A 457 24.23 -0.72 35.80
C LEU A 457 23.00 0.03 36.35
N HIS A 458 22.66 1.20 35.73
CA HIS A 458 21.51 2.05 36.04
C HIS A 458 20.21 1.25 36.01
N TYR A 459 20.02 0.44 34.95
CA TYR A 459 18.87 -0.43 34.76
C TYR A 459 18.82 -1.56 35.78
N ALA A 460 19.99 -2.09 36.20
CA ALA A 460 20.06 -3.19 37.15
C ALA A 460 19.59 -2.68 38.48
N ALA A 461 19.99 -1.43 38.82
CA ALA A 461 19.60 -0.76 40.04
C ALA A 461 18.08 -0.48 40.05
N GLU A 462 17.51 0.04 38.94
CA GLU A 462 16.08 0.32 38.76
C GLU A 462 15.20 -0.94 38.85
N CYS A 463 15.63 -2.06 38.23
CA CYS A 463 14.94 -3.36 38.22
C CYS A 463 15.01 -4.05 39.56
N GLY A 464 16.05 -3.75 40.33
CA GLY A 464 16.29 -4.33 41.64
C GLY A 464 16.98 -5.68 41.57
N ASN A 465 17.58 -6.01 40.42
CA ASN A 465 18.24 -7.31 40.24
C ASN A 465 19.63 -7.33 40.84
N MET A 466 19.77 -8.03 41.99
CA MET A 466 21.02 -8.19 42.72
C MET A 466 22.06 -8.98 41.93
N GLN A 467 21.61 -10.08 41.28
CA GLN A 467 22.53 -10.91 40.52
C GLN A 467 23.11 -10.18 39.33
N ILE A 468 22.29 -9.55 38.52
CA ILE A 468 22.79 -8.80 37.36
C ILE A 468 23.73 -7.67 37.78
N MET A 469 23.35 -6.95 38.83
CA MET A 469 24.13 -5.83 39.32
C MET A 469 25.50 -6.28 39.85
N GLY A 470 25.53 -7.34 40.67
CA GLY A 470 26.75 -7.92 41.21
C GLY A 470 27.68 -8.36 40.11
N LYS A 471 27.10 -9.00 39.05
CA LYS A 471 27.81 -9.47 37.85
C LYS A 471 28.49 -8.32 37.10
N ILE A 472 27.77 -7.17 36.94
CA ILE A 472 28.31 -5.98 36.27
C ILE A 472 29.40 -5.35 37.15
N LEU A 473 29.14 -5.22 38.45
CA LEU A 473 30.09 -4.63 39.39
C LEU A 473 31.42 -5.34 39.46
N LYS A 474 31.40 -6.69 39.40
CA LYS A 474 32.61 -7.55 39.36
C LYS A 474 33.44 -7.16 38.14
N VAL A 475 32.78 -6.98 36.96
CA VAL A 475 33.41 -6.58 35.71
C VAL A 475 33.99 -5.16 35.86
N VAL A 476 33.16 -4.19 36.32
CA VAL A 476 33.54 -2.78 36.55
C VAL A 476 34.76 -2.64 37.48
N LEU A 477 34.77 -3.37 38.61
CA LEU A 477 35.87 -3.36 39.58
C LEU A 477 37.17 -4.01 39.10
N SER A 478 37.10 -4.88 38.05
CA SER A 478 38.26 -5.55 37.46
C SER A 478 38.95 -4.67 36.39
N GLN A 479 38.40 -3.45 36.14
CA GLN A 479 38.93 -2.46 35.20
C GLN A 479 39.47 -1.22 35.96
N GLU A 480 40.28 -0.40 35.27
CA GLU A 480 40.96 0.77 35.85
C GLU A 480 40.05 1.95 36.20
N ASP A 481 39.13 2.31 35.30
CA ASP A 481 38.20 3.42 35.47
C ASP A 481 36.91 3.04 36.22
N ALA A 482 37.02 2.13 37.22
CA ALA A 482 35.91 1.62 38.02
C ALA A 482 35.08 2.73 38.65
N ILE A 483 35.76 3.63 39.36
CA ILE A 483 35.21 4.79 40.06
C ILE A 483 34.49 5.75 39.11
N LYS A 484 34.99 5.88 37.86
CA LYS A 484 34.39 6.70 36.81
C LYS A 484 33.09 6.06 36.33
N VAL A 485 33.10 4.74 36.04
CA VAL A 485 31.93 4.00 35.56
C VAL A 485 30.79 4.02 36.57
N LEU A 486 31.12 3.82 37.87
CA LEU A 486 30.13 3.84 38.96
C LEU A 486 29.51 5.24 39.13
N ASN A 487 30.28 6.30 38.84
CA ASN A 487 29.81 7.69 38.96
C ASN A 487 29.21 8.27 37.67
N ILE A 488 28.95 7.43 36.64
CA ILE A 488 28.30 7.85 35.40
C ILE A 488 26.88 8.31 35.74
N LYS A 489 26.58 9.56 35.36
CA LYS A 489 25.29 10.18 35.60
C LYS A 489 24.42 10.13 34.37
N ASP A 490 23.15 9.76 34.52
CA ASP A 490 22.21 9.73 33.42
C ASP A 490 21.67 11.14 33.09
N ASN A 491 20.58 11.24 32.31
CA ASN A 491 19.97 12.52 31.94
C ASN A 491 19.44 13.29 33.14
N HIS A 492 18.91 12.56 34.15
CA HIS A 492 18.38 13.12 35.40
C HIS A 492 19.46 13.45 36.42
N GLY A 493 20.73 13.33 36.01
CA GLY A 493 21.89 13.59 36.85
C GLY A 493 21.97 12.61 38.01
N LYS A 494 21.47 11.38 37.78
CA LYS A 494 21.44 10.32 38.77
C LYS A 494 22.43 9.24 38.39
N THR A 495 22.99 8.61 39.42
CA THR A 495 23.97 7.53 39.34
C THR A 495 23.21 6.21 39.53
N ALA A 496 23.78 5.05 39.10
CA ALA A 496 23.09 3.77 39.26
C ALA A 496 22.68 3.56 40.72
N PHE A 497 23.53 4.00 41.66
CA PHE A 497 23.31 3.87 43.11
C PHE A 497 22.27 4.79 43.71
N HIS A 498 21.94 5.94 43.05
CA HIS A 498 20.85 6.81 43.43
C HIS A 498 19.57 5.95 43.19
N TYR A 499 19.49 5.27 42.01
CA TYR A 499 18.39 4.38 41.60
C TYR A 499 18.26 3.17 42.52
N ALA A 500 19.41 2.62 42.96
CA ALA A 500 19.38 1.46 43.84
C ALA A 500 18.81 1.88 45.17
N ALA A 501 19.30 2.99 45.74
CA ALA A 501 18.82 3.60 47.00
C ALA A 501 17.33 3.97 46.97
N GLU A 502 16.77 4.25 45.77
CA GLU A 502 15.36 4.59 45.54
C GLU A 502 14.54 3.33 45.22
N PHE A 503 15.17 2.15 45.17
CA PHE A 503 14.44 0.95 44.78
C PHE A 503 13.46 0.40 45.80
N GLY A 504 12.23 0.22 45.37
CA GLY A 504 11.17 -0.37 46.16
C GLY A 504 10.38 0.58 47.01
N THR A 505 10.90 1.82 47.20
CA THR A 505 10.30 2.91 47.99
C THR A 505 8.81 3.14 47.64
N PRO A 506 7.91 3.26 48.66
CA PRO A 506 6.48 3.46 48.36
C PRO A 506 6.12 4.78 47.68
N GLU A 507 4.86 4.88 47.25
CA GLU A 507 4.30 6.10 46.67
C GLU A 507 3.26 6.64 47.66
N LEU A 508 3.46 6.40 48.97
CA LEU A 508 2.52 6.80 50.02
C LEU A 508 3.19 7.58 51.14
N ILE A 509 2.46 8.53 51.75
CA ILE A 509 2.93 9.32 52.91
C ILE A 509 2.75 8.35 54.09
N SER A 510 3.83 7.61 54.37
CA SER A 510 3.89 6.55 55.38
C SER A 510 5.19 6.66 56.18
N ALA A 511 5.12 6.38 57.47
CA ALA A 511 6.30 6.38 58.35
C ALA A 511 7.12 5.11 58.09
N LEU A 512 6.47 3.93 58.19
CA LEU A 512 7.08 2.62 57.96
C LEU A 512 6.70 2.06 56.61
N PRO B 34 19.84 5.64 -40.80
CA PRO B 34 19.38 5.72 -39.41
C PRO B 34 18.96 4.37 -38.81
N ASN B 35 19.26 4.16 -37.53
CA ASN B 35 18.90 2.93 -36.83
C ASN B 35 17.41 2.95 -36.47
N LEU B 36 16.91 4.07 -35.88
CA LEU B 36 15.52 4.27 -35.49
C LEU B 36 14.86 5.40 -36.28
N PRO B 37 14.37 5.14 -37.53
CA PRO B 37 13.72 6.21 -38.29
C PRO B 37 12.54 6.84 -37.57
N GLY B 38 11.78 6.00 -36.84
CA GLY B 38 10.62 6.37 -36.05
C GLY B 38 10.83 7.43 -34.97
N LEU B 39 12.13 7.72 -34.63
CA LEU B 39 12.45 8.77 -33.65
C LEU B 39 11.89 10.13 -34.14
N TYR B 40 11.68 10.26 -35.46
CA TYR B 40 11.10 11.44 -36.10
C TYR B 40 9.79 11.79 -35.36
N PHE B 41 8.92 10.78 -35.17
CA PHE B 41 7.65 10.95 -34.47
C PHE B 41 7.81 11.22 -32.98
N LEU B 42 8.89 10.70 -32.34
CA LEU B 42 9.16 10.95 -30.91
C LEU B 42 9.47 12.43 -30.72
N GLN B 43 10.13 13.04 -31.71
CA GLN B 43 10.43 14.46 -31.70
C GLN B 43 9.15 15.25 -32.04
N ALA B 44 8.39 14.76 -33.05
CA ALA B 44 7.14 15.36 -33.52
C ALA B 44 6.03 15.32 -32.44
N TYR B 45 6.21 14.47 -31.41
CA TYR B 45 5.29 14.35 -30.29
C TYR B 45 5.42 15.62 -29.42
N PRO B 46 4.31 16.41 -29.25
CA PRO B 46 4.40 17.65 -28.46
C PRO B 46 4.84 17.46 -27.00
N SER B 47 5.90 18.20 -26.57
CA SER B 47 6.51 18.18 -25.23
C SER B 47 5.52 18.11 -24.07
N GLU B 48 4.49 18.98 -24.07
CA GLU B 48 3.48 19.10 -23.03
C GLU B 48 2.40 17.96 -23.02
N GLU B 49 2.55 17.01 -23.96
CA GLU B 49 1.68 15.84 -24.18
C GLU B 49 2.51 14.53 -24.11
N ILE B 50 3.84 14.66 -23.93
CA ILE B 50 4.76 13.51 -23.87
C ILE B 50 4.39 12.41 -22.85
N TRP B 51 3.75 12.79 -21.73
CA TRP B 51 3.28 11.89 -20.65
C TRP B 51 2.27 10.88 -21.17
N ARG B 52 1.61 11.16 -22.33
CA ARG B 52 0.59 10.32 -22.91
C ARG B 52 1.12 8.95 -23.36
N LEU B 53 2.45 8.85 -23.55
CA LEU B 53 3.09 7.59 -23.93
C LEU B 53 3.13 6.57 -22.81
N PHE B 54 3.03 7.04 -21.56
CA PHE B 54 3.11 6.22 -20.35
C PHE B 54 1.81 6.14 -19.56
N VAL B 55 1.00 7.18 -19.59
CA VAL B 55 -0.26 7.23 -18.85
C VAL B 55 -1.37 6.62 -19.68
N ASP B 56 -1.97 5.49 -19.22
CA ASP B 56 -3.08 4.83 -19.91
C ASP B 56 -4.21 5.79 -20.20
N GLY B 57 -4.69 5.82 -21.45
CA GLY B 57 -5.80 6.66 -21.90
C GLY B 57 -7.03 6.51 -21.03
N ARG B 58 -7.25 5.28 -20.52
CA ARG B 58 -8.35 4.95 -19.61
C ARG B 58 -8.39 5.84 -18.34
N PHE B 59 -7.25 6.46 -17.96
CA PHE B 59 -7.15 7.30 -16.76
C PHE B 59 -7.51 8.76 -16.97
N TRP B 60 -7.15 9.31 -18.15
CA TRP B 60 -7.22 10.72 -18.55
C TRP B 60 -8.35 11.57 -18.03
N SER B 61 -9.61 11.19 -18.33
CA SER B 61 -10.85 11.90 -17.92
C SER B 61 -11.03 12.03 -16.42
N LYS B 62 -10.73 10.92 -15.69
CA LYS B 62 -10.95 10.75 -14.27
C LYS B 62 -9.80 11.18 -13.39
N GLU B 63 -8.57 11.28 -13.94
CA GLU B 63 -7.40 11.58 -13.14
C GLU B 63 -6.58 12.76 -13.57
N ASN B 64 -7.21 13.80 -14.13
CA ASN B 64 -6.52 15.02 -14.57
C ASN B 64 -5.32 14.72 -15.47
N GLY B 65 -5.54 13.79 -16.41
CA GLY B 65 -4.53 13.38 -17.38
C GLY B 65 -3.50 12.47 -16.77
N TRP B 66 -2.35 13.06 -16.42
CA TRP B 66 -1.16 12.37 -15.86
C TRP B 66 -1.08 12.49 -14.35
N ARG B 67 -1.79 13.48 -13.76
CA ARG B 67 -1.75 13.76 -12.33
C ARG B 67 -1.93 12.57 -11.38
N GLY B 68 -2.92 11.72 -11.64
CA GLY B 68 -3.16 10.53 -10.83
C GLY B 68 -2.03 9.50 -10.92
N TYR B 69 -1.46 9.38 -12.12
CA TYR B 69 -0.37 8.49 -12.45
C TYR B 69 0.90 8.91 -11.73
N GLU B 70 1.30 10.19 -11.85
CA GLU B 70 2.48 10.73 -11.16
C GLU B 70 2.40 10.58 -9.67
N SER B 71 1.21 10.84 -9.10
CA SER B 71 0.99 10.82 -7.67
C SER B 71 1.11 9.45 -7.03
N ARG B 72 0.90 8.40 -7.81
CA ARG B 72 1.06 7.07 -7.28
C ARG B 72 2.53 6.70 -7.16
N GLU B 73 3.38 7.29 -7.97
CA GLU B 73 4.80 6.99 -7.91
C GLU B 73 5.63 8.18 -8.34
N PRO B 74 5.74 9.14 -7.47
CA PRO B 74 6.36 10.40 -7.82
C PRO B 74 7.71 10.20 -8.45
N GLY B 75 7.93 10.89 -9.55
CA GLY B 75 9.16 10.80 -10.28
C GLY B 75 9.11 9.85 -11.43
N CYS B 76 8.02 9.11 -11.58
CA CYS B 76 7.99 7.99 -12.50
C CYS B 76 7.87 8.32 -13.97
N LEU B 77 7.17 9.40 -14.28
CA LEU B 77 7.03 9.82 -15.65
C LEU B 77 8.31 10.44 -16.14
N ASN B 78 8.99 11.17 -15.29
CA ASN B 78 10.28 11.68 -15.65
C ASN B 78 11.24 10.52 -15.90
N ALA B 79 11.16 9.46 -15.12
CA ALA B 79 12.07 8.34 -15.32
C ALA B 79 11.72 7.57 -16.60
N ALA B 80 10.46 7.20 -16.74
CA ALA B 80 10.00 6.46 -17.91
C ALA B 80 10.46 7.13 -19.19
N LEU B 81 10.27 8.44 -19.27
CA LEU B 81 10.67 9.20 -20.45
C LEU B 81 12.18 9.15 -20.66
N GLU B 82 12.93 9.36 -19.58
CA GLU B 82 14.39 9.34 -19.64
C GLU B 82 14.88 7.96 -20.14
N SER B 83 14.30 6.87 -19.60
CA SER B 83 14.63 5.50 -19.99
C SER B 83 14.46 5.29 -21.51
N LEU B 84 13.26 5.63 -22.05
CA LEU B 84 12.93 5.51 -23.45
C LEU B 84 13.85 6.33 -24.34
N CYS B 85 14.08 7.58 -23.98
CA CYS B 85 14.93 8.47 -24.76
C CYS B 85 16.42 8.15 -24.69
N SER B 86 16.94 7.90 -23.45
CA SER B 86 18.34 7.54 -23.22
C SER B 86 18.71 6.26 -23.96
N ILE B 87 17.80 5.26 -23.97
CA ILE B 87 18.09 4.02 -24.67
C ILE B 87 17.84 4.11 -26.18
N ALA B 88 16.90 4.95 -26.63
CA ALA B 88 16.67 5.14 -28.07
C ALA B 88 17.92 5.83 -28.68
N LEU B 89 18.37 6.90 -28.01
CA LEU B 89 19.56 7.71 -28.32
C LEU B 89 20.82 6.82 -28.31
N GLN B 90 20.81 5.71 -27.52
CA GLN B 90 21.92 4.77 -27.45
C GLN B 90 21.97 3.91 -28.73
N VAL B 91 20.84 3.25 -29.09
CA VAL B 91 20.75 2.42 -30.30
C VAL B 91 20.95 3.21 -31.61
N GLU B 92 20.45 4.46 -31.69
CA GLU B 92 20.64 5.32 -32.86
C GLU B 92 22.13 5.65 -33.05
N LYS B 93 22.84 5.89 -31.92
CA LYS B 93 24.27 6.24 -31.89
C LYS B 93 25.25 5.08 -32.14
N SER B 94 24.83 3.81 -31.91
CA SER B 94 25.69 2.63 -32.16
C SER B 94 25.59 2.17 -33.62
N GLY B 95 26.75 1.99 -34.27
CA GLY B 95 26.89 1.61 -35.67
C GLY B 95 26.30 0.25 -36.02
N GLU B 96 26.21 -0.64 -35.01
CA GLU B 96 25.66 -2.00 -35.14
C GLU B 96 24.16 -1.90 -35.27
N GLU B 97 23.54 -2.84 -36.03
CA GLU B 97 22.09 -2.87 -36.18
C GLU B 97 21.48 -3.36 -34.87
N PHE B 98 20.35 -2.75 -34.45
CA PHE B 98 19.65 -3.07 -33.21
C PHE B 98 19.27 -4.55 -33.03
N GLU B 99 19.74 -5.12 -31.91
CA GLU B 99 19.45 -6.49 -31.47
C GLU B 99 19.11 -6.42 -29.98
N LEU B 100 18.03 -7.12 -29.59
CA LEU B 100 17.58 -7.27 -28.21
C LEU B 100 18.66 -8.00 -27.39
N SER B 101 18.86 -7.58 -26.14
CA SER B 101 19.80 -8.21 -25.21
C SER B 101 19.24 -8.11 -23.81
N VAL B 102 19.62 -9.02 -22.90
CA VAL B 102 19.10 -8.90 -21.52
C VAL B 102 19.69 -7.67 -20.81
N ASP B 103 20.91 -7.29 -21.19
CA ASP B 103 21.56 -6.14 -20.58
C ASP B 103 20.75 -4.88 -20.85
N LEU B 104 20.27 -4.75 -22.08
CA LEU B 104 19.45 -3.62 -22.47
C LEU B 104 18.18 -3.57 -21.62
N ILE B 105 17.48 -4.70 -21.56
CA ILE B 105 16.27 -4.80 -20.76
C ILE B 105 16.55 -4.43 -19.31
N LYS B 106 17.59 -5.03 -18.74
CA LYS B 106 17.98 -4.74 -17.36
C LYS B 106 18.25 -3.23 -17.19
N ARG B 107 18.89 -2.58 -18.20
CA ARG B 107 19.15 -1.13 -18.22
C ARG B 107 17.84 -0.35 -18.23
N ILE B 108 16.89 -0.70 -19.12
CA ILE B 108 15.57 -0.05 -19.19
C ILE B 108 14.92 -0.02 -17.80
N HIS B 109 14.95 -1.14 -17.07
CA HIS B 109 14.37 -1.30 -15.74
C HIS B 109 15.07 -0.42 -14.69
N LYS B 110 16.42 -0.38 -14.66
CA LYS B 110 17.21 0.49 -13.78
C LYS B 110 16.75 1.96 -14.00
N LYS B 111 16.72 2.38 -15.28
CA LYS B 111 16.29 3.70 -15.73
C LYS B 111 14.86 4.00 -15.30
N CYS B 112 13.93 3.03 -15.43
CA CYS B 112 12.53 3.25 -15.04
C CYS B 112 12.32 3.45 -13.53
N GLY B 113 13.27 2.98 -12.71
CA GLY B 113 13.21 3.10 -11.25
C GLY B 113 13.91 4.29 -10.66
N LYS B 114 14.70 5.07 -11.48
CA LYS B 114 15.45 6.25 -11.01
C LYS B 114 14.62 7.31 -10.27
N LYS B 115 15.05 7.70 -9.07
CA LYS B 115 14.32 8.70 -8.27
C LYS B 115 12.90 8.26 -7.84
N VAL B 116 12.49 7.08 -8.26
CA VAL B 116 11.16 6.50 -7.94
C VAL B 116 11.34 5.63 -6.66
N GLU B 117 10.82 6.12 -5.52
CA GLU B 117 10.91 5.46 -4.21
C GLU B 117 10.19 4.12 -4.15
N GLU B 118 9.06 4.01 -4.87
CA GLU B 118 8.22 2.81 -4.91
C GLU B 118 8.97 1.71 -5.63
N LEU B 119 9.79 2.10 -6.61
CA LEU B 119 10.57 1.16 -7.41
C LEU B 119 11.96 0.87 -6.85
N GLN B 120 12.45 1.71 -5.91
CA GLN B 120 13.77 1.50 -5.26
C GLN B 120 13.74 0.29 -4.31
N GLU B 121 12.58 0.11 -3.62
CA GLU B 121 12.27 -0.96 -2.67
C GLU B 121 12.53 -2.36 -3.23
N LYS B 122 12.13 -2.60 -4.50
CA LYS B 122 12.25 -3.87 -5.21
C LYS B 122 13.45 -3.95 -6.19
N ASN B 123 14.56 -3.24 -5.85
CA ASN B 123 15.82 -3.14 -6.61
C ASN B 123 15.79 -3.08 -8.16
N PRO B 124 15.88 -1.86 -8.75
CA PRO B 124 15.83 -1.75 -10.22
C PRO B 124 17.09 -2.26 -10.91
N GLY B 125 16.89 -2.84 -12.09
CA GLY B 125 17.94 -3.43 -12.92
C GLY B 125 18.23 -4.89 -12.63
N GLU B 126 17.85 -5.37 -11.43
CA GLU B 126 18.06 -6.77 -11.07
C GLU B 126 16.85 -7.66 -11.27
N LEU B 127 17.13 -8.83 -11.82
CA LEU B 127 16.18 -9.87 -12.19
C LEU B 127 15.65 -10.65 -11.03
N ARG B 128 14.42 -11.14 -11.18
CA ARG B 128 13.77 -11.98 -10.18
C ARG B 128 14.44 -13.36 -10.20
N THR B 129 14.45 -14.01 -9.05
CA THR B 129 14.86 -15.40 -8.91
C THR B 129 13.69 -16.26 -8.41
N ASP B 130 13.60 -16.43 -7.09
CA ASP B 130 12.49 -17.17 -6.46
C ASP B 130 11.42 -16.28 -5.79
N GLU B 131 11.52 -14.94 -5.95
CA GLU B 131 10.58 -13.95 -5.43
C GLU B 131 9.23 -14.10 -6.18
N PRO B 132 8.05 -14.23 -5.51
CA PRO B 132 6.82 -14.39 -6.27
C PRO B 132 6.26 -13.12 -6.87
N VAL B 133 5.68 -13.26 -8.06
CA VAL B 133 4.97 -12.17 -8.70
C VAL B 133 3.61 -12.68 -9.14
N SER B 134 2.56 -12.09 -8.58
CA SER B 134 1.21 -12.50 -8.88
C SER B 134 0.33 -11.29 -9.06
N PHE B 135 -0.71 -11.46 -9.87
CA PHE B 135 -1.71 -10.44 -10.12
C PHE B 135 -2.97 -11.11 -10.62
N GLY B 136 -4.04 -10.36 -10.54
CA GLY B 136 -5.34 -10.82 -11.01
C GLY B 136 -5.64 -10.31 -12.40
N ILE B 137 -6.44 -11.05 -13.16
CA ILE B 137 -6.80 -10.65 -14.51
C ILE B 137 -8.31 -10.64 -14.68
N PRO B 138 -8.88 -9.50 -15.11
CA PRO B 138 -10.33 -9.46 -15.33
C PRO B 138 -10.69 -9.84 -16.78
N ALA B 139 -11.97 -10.21 -17.02
CA ALA B 139 -12.47 -10.55 -18.35
C ALA B 139 -12.06 -9.51 -19.40
N GLY B 140 -12.20 -8.23 -19.08
CA GLY B 140 -11.85 -7.08 -19.91
C GLY B 140 -10.43 -6.99 -20.44
N ARG B 141 -9.49 -7.77 -19.88
CA ARG B 141 -8.08 -7.80 -20.31
C ARG B 141 -7.72 -9.15 -20.95
N ALA B 142 -8.75 -9.95 -21.23
CA ALA B 142 -8.66 -11.30 -21.75
C ALA B 142 -9.46 -11.52 -23.05
N SER B 143 -9.11 -12.61 -23.79
CA SER B 143 -9.78 -13.09 -25.00
C SER B 143 -9.62 -14.58 -25.05
N ILE B 144 -10.56 -15.29 -25.72
CA ILE B 144 -10.51 -16.76 -25.88
C ILE B 144 -9.18 -17.22 -26.56
N LYS B 145 -8.80 -16.59 -27.70
CA LYS B 145 -7.54 -16.83 -28.44
C LYS B 145 -6.34 -16.41 -27.56
N GLY B 146 -6.55 -15.45 -26.67
CA GLY B 146 -5.52 -15.02 -25.74
C GLY B 146 -5.17 -16.06 -24.69
N ILE B 147 -6.22 -16.65 -24.05
CA ILE B 147 -6.15 -17.69 -23.02
C ILE B 147 -5.58 -19.00 -23.62
N GLU B 148 -5.97 -19.34 -24.88
CA GLU B 148 -5.50 -20.50 -25.63
C GLU B 148 -3.98 -20.42 -25.82
N GLU B 149 -3.47 -19.25 -26.25
CA GLU B 149 -2.03 -19.01 -26.44
C GLU B 149 -1.26 -19.15 -25.13
N PHE B 150 -1.82 -18.56 -24.07
CA PHE B 150 -1.33 -18.55 -22.70
C PHE B 150 -1.11 -19.95 -22.09
N LEU B 151 -2.13 -20.83 -22.20
CA LEU B 151 -2.05 -22.18 -21.67
C LEU B 151 -1.04 -23.03 -22.49
N SER B 152 -0.93 -22.71 -23.81
CA SER B 152 -0.06 -23.32 -24.82
C SER B 152 1.43 -22.93 -24.62
N LEU B 153 1.73 -22.00 -23.70
CA LEU B 153 3.11 -21.59 -23.48
C LEU B 153 3.83 -22.63 -22.63
N VAL B 154 4.74 -23.39 -23.27
CA VAL B 154 5.46 -24.46 -22.59
C VAL B 154 6.27 -23.99 -21.34
N PHE B 155 6.87 -22.77 -21.40
CA PHE B 155 7.63 -22.19 -20.29
C PHE B 155 6.78 -21.86 -19.08
N LEU B 156 5.45 -21.81 -19.24
CA LEU B 156 4.57 -21.56 -18.12
C LEU B 156 4.30 -22.84 -17.37
N THR B 157 4.12 -23.95 -18.11
CA THR B 157 3.95 -25.32 -17.57
C THR B 157 5.29 -25.77 -16.91
N GLU B 158 6.41 -25.65 -17.65
CA GLU B 158 7.78 -26.01 -17.27
C GLU B 158 8.31 -25.25 -16.05
N GLY B 159 7.99 -23.97 -15.97
CA GLY B 159 8.45 -23.11 -14.89
C GLY B 159 7.59 -23.14 -13.63
N GLY B 160 6.49 -23.88 -13.68
CA GLY B 160 5.59 -24.03 -12.55
C GLY B 160 4.73 -22.83 -12.26
N ALA B 161 4.36 -22.06 -13.31
CA ALA B 161 3.47 -20.90 -13.20
C ALA B 161 2.07 -21.38 -12.83
N GLU B 162 1.29 -20.52 -12.18
CA GLU B 162 -0.06 -20.90 -11.77
C GLU B 162 -1.09 -19.97 -12.34
N PHE B 163 -2.24 -20.53 -12.73
CA PHE B 163 -3.33 -19.76 -13.29
C PHE B 163 -4.68 -20.47 -13.08
N GLY B 164 -5.69 -19.70 -12.68
CA GLY B 164 -7.03 -20.22 -12.49
C GLY B 164 -7.90 -19.38 -11.58
N PRO B 165 -9.16 -19.83 -11.34
CA PRO B 165 -10.03 -19.09 -10.43
C PRO B 165 -9.64 -19.27 -8.98
N GLY B 166 -9.88 -18.25 -8.19
CA GLY B 166 -9.57 -18.26 -6.77
C GLY B 166 -9.89 -16.96 -6.10
N LYS B 167 -9.13 -16.64 -5.05
CA LYS B 167 -9.23 -15.42 -4.25
C LYS B 167 -7.84 -14.91 -3.88
N ALA B 168 -7.75 -13.65 -3.47
CA ALA B 168 -6.51 -13.03 -2.99
C ALA B 168 -6.37 -13.50 -1.55
N GLY B 169 -5.21 -14.05 -1.21
CA GLY B 169 -4.98 -14.56 0.13
C GLY B 169 -3.93 -13.80 0.91
N PRO B 170 -3.65 -14.24 2.17
CA PRO B 170 -2.66 -13.54 3.00
C PRO B 170 -1.25 -13.44 2.40
N PHE B 171 -0.81 -14.50 1.70
CA PHE B 171 0.55 -14.56 1.15
C PHE B 171 0.64 -14.63 -0.35
N GLY B 172 -0.50 -14.40 -1.00
CA GLY B 172 -0.66 -14.41 -2.45
C GLY B 172 -1.97 -15.07 -2.83
N PRO B 173 -2.25 -15.33 -4.13
CA PRO B 173 -3.55 -15.94 -4.48
C PRO B 173 -3.76 -17.35 -3.94
N ARG B 174 -5.02 -17.60 -3.53
CA ARG B 174 -5.52 -18.87 -3.03
C ARG B 174 -6.30 -19.41 -4.21
N PHE B 175 -5.69 -20.38 -4.93
CA PHE B 175 -6.22 -21.01 -6.13
C PHE B 175 -7.23 -22.09 -5.83
N ASP B 176 -8.38 -22.06 -6.52
CA ASP B 176 -9.39 -23.11 -6.40
C ASP B 176 -8.99 -24.19 -7.40
N LYS B 177 -8.50 -23.76 -8.58
CA LYS B 177 -8.03 -24.59 -9.69
C LYS B 177 -6.79 -23.93 -10.31
N ASN B 178 -5.81 -24.74 -10.71
CA ASN B 178 -4.61 -24.30 -11.44
C ASN B 178 -4.65 -25.05 -12.76
N TYR B 179 -4.90 -24.32 -13.86
CA TYR B 179 -5.03 -24.86 -15.20
C TYR B 179 -3.75 -25.47 -15.78
N PHE B 180 -2.57 -25.08 -15.23
CA PHE B 180 -1.26 -25.62 -15.62
C PHE B 180 -0.91 -26.96 -14.92
N LYS B 181 -1.75 -27.38 -13.95
CA LYS B 181 -1.62 -28.62 -13.22
C LYS B 181 -2.39 -29.65 -14.03
N ASN B 182 -1.68 -30.65 -14.56
CA ASN B 182 -2.21 -31.76 -15.36
C ASN B 182 -3.00 -31.27 -16.58
N LEU B 183 -2.39 -30.34 -17.33
CA LEU B 183 -3.01 -29.78 -18.51
C LEU B 183 -2.83 -30.68 -19.73
N ASN B 184 -3.95 -31.23 -20.22
CA ASN B 184 -3.97 -32.00 -21.46
C ASN B 184 -4.11 -30.94 -22.56
N PRO B 185 -3.10 -30.80 -23.45
CA PRO B 185 -3.15 -29.73 -24.47
C PRO B 185 -4.30 -29.79 -25.48
N GLU B 186 -4.90 -30.98 -25.67
CA GLU B 186 -6.03 -31.23 -26.57
C GLU B 186 -7.28 -30.50 -26.04
N GLN B 187 -7.39 -30.39 -24.71
CA GLN B 187 -8.49 -29.73 -23.99
C GLN B 187 -8.42 -28.19 -24.05
N ILE B 188 -7.20 -27.62 -24.30
CA ILE B 188 -6.98 -26.18 -24.33
C ILE B 188 -8.05 -25.31 -25.08
N PRO B 189 -8.46 -25.62 -26.33
CA PRO B 189 -9.46 -24.75 -27.01
C PRO B 189 -10.80 -24.54 -26.29
N ASP B 190 -11.38 -25.62 -25.73
CA ASP B 190 -12.65 -25.57 -24.99
C ASP B 190 -12.48 -24.97 -23.62
N LEU B 191 -11.32 -25.19 -22.99
CA LEU B 191 -10.96 -24.68 -21.67
C LEU B 191 -10.84 -23.16 -21.72
N ALA B 192 -10.31 -22.63 -22.85
CA ALA B 192 -10.15 -21.19 -23.07
C ALA B 192 -11.53 -20.50 -23.17
N LYS B 193 -12.53 -21.18 -23.77
CA LYS B 193 -13.90 -20.68 -23.88
C LYS B 193 -14.52 -20.67 -22.49
N GLN B 194 -14.26 -21.73 -21.69
CA GLN B 194 -14.78 -21.90 -20.32
C GLN B 194 -14.18 -20.88 -19.37
N ILE B 195 -12.83 -20.71 -19.38
CA ILE B 195 -12.11 -19.72 -18.55
C ILE B 195 -12.66 -18.31 -18.83
N TYR B 196 -12.83 -17.96 -20.12
CA TYR B 196 -13.38 -16.67 -20.53
C TYR B 196 -14.81 -16.43 -20.02
N PHE B 197 -15.72 -17.42 -20.24
CA PHE B 197 -17.11 -17.38 -19.78
C PHE B 197 -17.16 -17.18 -18.26
N ASP B 198 -16.31 -17.94 -17.52
CA ASP B 198 -16.16 -17.87 -16.07
C ASP B 198 -15.75 -16.45 -15.65
N MET B 199 -14.76 -15.86 -16.34
CA MET B 199 -14.24 -14.51 -16.07
C MET B 199 -15.33 -13.42 -16.25
N CYS B 200 -16.24 -13.61 -17.26
CA CYS B 200 -17.38 -12.75 -17.58
C CYS B 200 -18.44 -12.86 -16.53
N LYS B 201 -18.70 -14.09 -16.05
CA LYS B 201 -19.68 -14.44 -15.03
C LYS B 201 -19.41 -13.59 -13.77
N TYR B 202 -18.12 -13.38 -13.44
CA TYR B 202 -17.72 -12.58 -12.27
C TYR B 202 -17.90 -11.07 -12.47
N GLY B 203 -17.76 -10.59 -13.72
CA GLY B 203 -17.89 -9.18 -14.06
C GLY B 203 -16.66 -8.69 -14.81
N HIS B 204 -16.87 -8.03 -15.95
CA HIS B 204 -15.85 -7.53 -16.89
C HIS B 204 -14.65 -6.84 -16.26
N SER B 205 -14.86 -5.95 -15.28
CA SER B 205 -13.80 -5.20 -14.59
C SER B 205 -13.42 -5.79 -13.20
N ASN B 206 -14.08 -6.88 -12.81
CA ASN B 206 -13.80 -7.58 -11.56
C ASN B 206 -12.81 -8.72 -11.79
N THR B 207 -11.94 -8.97 -10.76
CA THR B 207 -10.86 -9.96 -10.72
C THR B 207 -11.24 -11.17 -9.85
N ASN B 208 -11.35 -12.34 -10.51
CA ASN B 208 -11.71 -13.67 -9.97
C ASN B 208 -10.60 -14.67 -10.29
N HIS B 209 -9.90 -14.43 -11.41
CA HIS B 209 -8.84 -15.25 -11.94
C HIS B 209 -7.50 -14.64 -11.61
N PHE B 210 -6.60 -15.46 -11.09
CA PHE B 210 -5.30 -15.03 -10.61
C PHE B 210 -4.20 -15.74 -11.31
N TYR B 211 -3.06 -15.04 -11.40
CA TYR B 211 -1.88 -15.58 -12.04
C TYR B 211 -0.65 -15.44 -11.17
N LEU B 212 0.00 -16.58 -10.85
CA LEU B 212 1.26 -16.66 -10.12
C LEU B 212 2.33 -17.04 -11.12
N ALA B 213 3.28 -16.12 -11.35
CA ALA B 213 4.37 -16.32 -12.30
C ALA B 213 5.41 -17.37 -11.87
N VAL B 214 6.25 -17.71 -12.84
CA VAL B 214 7.36 -18.67 -12.77
C VAL B 214 8.37 -18.23 -11.68
N MET B 215 8.83 -19.15 -10.83
CA MET B 215 9.81 -18.83 -9.79
C MET B 215 11.14 -19.59 -9.96
N LYS B 216 11.34 -20.17 -11.17
CA LYS B 216 12.58 -20.89 -11.50
C LYS B 216 13.00 -20.65 -12.94
N ASN B 217 14.31 -20.41 -13.14
CA ASN B 217 14.97 -20.16 -14.44
C ASN B 217 14.49 -18.96 -15.24
N VAL B 218 14.03 -17.89 -14.54
CA VAL B 218 13.59 -16.66 -15.20
C VAL B 218 14.68 -16.07 -16.10
N ASP B 219 15.96 -16.16 -15.65
CA ASP B 219 17.13 -15.69 -16.39
C ASP B 219 17.33 -16.47 -17.70
N VAL B 220 17.03 -17.79 -17.69
CA VAL B 220 17.13 -18.65 -18.88
C VAL B 220 16.02 -18.30 -19.86
N TYR B 221 14.78 -18.13 -19.33
CA TYR B 221 13.59 -17.78 -20.09
C TYR B 221 13.73 -16.40 -20.72
N LEU B 222 14.29 -15.44 -19.97
CA LEU B 222 14.52 -14.08 -20.49
C LEU B 222 15.45 -14.12 -21.70
N GLU B 223 16.54 -14.94 -21.63
CA GLU B 223 17.54 -15.14 -22.69
C GLU B 223 16.94 -15.86 -23.90
N LYS B 224 16.14 -16.90 -23.64
CA LYS B 224 15.49 -17.71 -24.67
C LYS B 224 14.48 -16.88 -25.48
N ILE B 225 13.70 -15.99 -24.81
CA ILE B 225 12.74 -15.05 -25.44
C ILE B 225 13.53 -14.04 -26.32
N THR B 226 14.66 -13.52 -25.76
CA THR B 226 15.56 -12.58 -26.43
C THR B 226 16.11 -13.23 -27.71
N GLN B 227 16.61 -14.50 -27.59
CA GLN B 227 17.15 -15.32 -28.67
C GLN B 227 16.14 -15.54 -29.76
N SER B 228 14.90 -15.91 -29.38
CA SER B 228 13.78 -16.18 -30.27
C SER B 228 13.42 -14.94 -31.08
N TYR B 229 13.29 -13.76 -30.40
CA TYR B 229 13.01 -12.47 -31.04
C TYR B 229 14.04 -12.17 -32.11
N ASN B 230 15.33 -12.06 -31.72
CA ASN B 230 16.44 -11.75 -32.64
C ASN B 230 16.49 -12.65 -33.87
N LYS B 231 16.12 -13.93 -33.71
CA LYS B 231 16.12 -14.95 -34.77
C LYS B 231 14.88 -14.81 -35.67
N GLU B 232 13.67 -14.62 -35.06
CA GLU B 232 12.41 -14.52 -35.79
C GLU B 232 12.20 -13.23 -36.58
N ILE B 233 12.69 -12.09 -36.07
CA ILE B 233 12.58 -10.78 -36.74
C ILE B 233 13.18 -10.73 -38.15
N LYS B 234 14.29 -11.46 -38.36
CA LYS B 234 15.01 -11.52 -39.63
C LYS B 234 14.23 -12.40 -40.62
N THR B 235 13.29 -13.23 -40.10
CA THR B 235 12.46 -14.15 -40.89
C THR B 235 11.25 -13.42 -41.54
N ALA B 236 10.69 -12.42 -40.85
CA ALA B 236 9.54 -11.64 -41.30
C ALA B 236 9.90 -10.66 -42.41
N GLU B 237 9.20 -10.73 -43.54
CA GLU B 237 9.46 -9.84 -44.68
C GLU B 237 8.63 -8.56 -44.63
N THR B 238 7.30 -8.70 -44.43
CA THR B 238 6.36 -7.58 -44.36
C THR B 238 6.41 -6.90 -43.00
N LEU B 239 5.83 -5.67 -42.90
CA LEU B 239 5.75 -4.88 -41.69
C LEU B 239 4.78 -5.54 -40.73
N ASP B 240 3.66 -6.08 -41.26
CA ASP B 240 2.64 -6.75 -40.46
C ASP B 240 3.20 -8.04 -39.83
N GLU B 241 4.15 -8.73 -40.50
CA GLU B 241 4.83 -9.94 -39.99
C GLU B 241 5.78 -9.55 -38.86
N LYS B 242 6.50 -8.43 -39.03
CA LYS B 242 7.42 -7.92 -38.02
C LYS B 242 6.65 -7.52 -36.75
N LEU B 243 5.48 -6.88 -36.91
CA LEU B 243 4.60 -6.47 -35.79
C LEU B 243 4.14 -7.67 -35.00
N LYS B 244 3.81 -8.81 -35.68
CA LYS B 244 3.39 -10.01 -34.96
C LYS B 244 4.56 -10.57 -34.17
N ILE B 245 5.77 -10.64 -34.76
CA ILE B 245 6.97 -11.09 -34.04
C ILE B 245 7.23 -10.19 -32.82
N ILE B 246 7.15 -8.85 -32.99
CA ILE B 246 7.40 -7.87 -31.92
C ILE B 246 6.46 -8.08 -30.73
N VAL B 247 5.15 -8.14 -30.98
CA VAL B 247 4.15 -8.29 -29.92
C VAL B 247 4.20 -9.66 -29.27
N LYS B 248 4.37 -10.73 -30.10
CA LYS B 248 4.48 -12.13 -29.70
C LYS B 248 5.51 -12.31 -28.55
N HIS B 249 6.65 -11.59 -28.66
CA HIS B 249 7.79 -11.60 -27.75
C HIS B 249 7.64 -10.68 -26.58
N ILE B 250 7.07 -9.44 -26.80
CA ILE B 250 6.76 -8.45 -25.74
C ILE B 250 5.74 -9.12 -24.80
N ARG B 251 4.78 -9.89 -25.37
CA ARG B 251 3.78 -10.65 -24.62
C ARG B 251 4.46 -11.71 -23.72
N MET B 252 5.40 -12.49 -24.27
CA MET B 252 6.12 -13.55 -23.56
C MET B 252 6.95 -12.98 -22.44
N TYR B 253 7.54 -11.80 -22.65
CA TYR B 253 8.30 -11.03 -21.66
C TYR B 253 7.35 -10.51 -20.58
N GLU B 254 6.12 -10.16 -20.95
CA GLU B 254 5.18 -9.64 -19.95
C GLU B 254 4.67 -10.81 -19.12
N VAL B 255 4.24 -11.88 -19.79
CA VAL B 255 3.73 -13.10 -19.15
C VAL B 255 4.79 -13.70 -18.20
N LEU B 256 6.06 -13.78 -18.65
CA LEU B 256 7.15 -14.13 -17.76
C LEU B 256 7.34 -12.78 -17.07
N ALA B 257 7.27 -12.68 -15.78
CA ALA B 257 7.47 -11.32 -15.26
C ALA B 257 8.91 -11.33 -14.71
N PRO B 258 9.91 -10.90 -15.54
CA PRO B 258 11.34 -11.06 -15.13
C PRO B 258 11.79 -10.27 -13.94
N PHE B 259 11.15 -9.12 -13.71
CA PHE B 259 11.43 -8.23 -12.58
C PHE B 259 10.24 -8.26 -11.63
N ARG B 260 10.46 -7.95 -10.35
CA ARG B 260 9.41 -7.92 -9.32
C ARG B 260 8.37 -6.81 -9.59
N ASP B 261 8.83 -5.72 -10.16
CA ASP B 261 8.11 -4.49 -10.39
C ASP B 261 8.43 -3.98 -11.79
N ALA B 262 7.72 -2.94 -12.24
CA ALA B 262 7.94 -2.21 -13.48
C ALA B 262 8.06 -3.05 -14.78
N ASN B 263 7.34 -4.19 -14.86
CA ASN B 263 7.35 -5.05 -16.03
C ASN B 263 6.59 -4.44 -17.22
N GLY B 264 5.53 -3.70 -16.95
CA GLY B 264 4.73 -3.05 -17.98
C GLY B 264 5.46 -1.93 -18.66
N ARG B 265 5.98 -1.00 -17.87
CA ARG B 265 6.73 0.15 -18.35
C ARG B 265 7.93 -0.29 -19.17
N THR B 266 8.70 -1.24 -18.62
CA THR B 266 9.91 -1.81 -19.24
C THR B 266 9.67 -2.41 -20.60
N PHE B 267 8.61 -3.22 -20.72
CA PHE B 267 8.34 -3.98 -21.92
C PHE B 267 7.46 -3.40 -22.94
N VAL B 268 6.35 -2.77 -22.52
CA VAL B 268 5.39 -2.21 -23.46
C VAL B 268 5.54 -0.69 -23.70
N ASN B 269 5.88 0.09 -22.66
CA ASN B 269 6.07 1.54 -22.81
C ASN B 269 7.48 1.91 -23.25
N ASN B 270 8.45 1.03 -22.99
CA ASN B 270 9.83 1.25 -23.39
C ASN B 270 10.25 0.27 -24.51
N LEU B 271 10.62 -0.98 -24.15
CA LEU B 271 11.08 -1.95 -25.13
C LEU B 271 10.32 -1.93 -26.46
N LEU B 272 8.98 -2.13 -26.42
CA LEU B 272 8.12 -2.16 -27.59
C LEU B 272 8.30 -0.97 -28.56
N ASN B 273 8.39 0.25 -28.01
CA ASN B 273 8.56 1.46 -28.83
C ASN B 273 9.84 1.52 -29.65
N ILE B 274 10.89 0.78 -29.28
CA ILE B 274 12.15 0.77 -30.02
C ILE B 274 12.00 0.00 -31.34
N PRO B 275 11.66 -1.33 -31.37
CA PRO B 275 11.45 -1.99 -32.66
C PRO B 275 10.36 -1.33 -33.52
N LEU B 276 9.42 -0.56 -32.91
CA LEU B 276 8.40 0.16 -33.68
C LEU B 276 9.10 1.29 -34.40
N MET B 277 9.94 2.01 -33.64
CA MET B 277 10.71 3.13 -34.18
C MET B 277 11.80 2.67 -35.14
N GLN B 278 12.23 1.39 -35.07
CA GLN B 278 13.19 0.76 -35.97
C GLN B 278 12.52 0.50 -37.34
N GLN B 279 11.20 0.23 -37.33
CA GLN B 279 10.44 0.04 -38.57
C GLN B 279 9.99 1.40 -39.20
N GLY B 280 10.37 2.51 -38.56
CA GLY B 280 9.99 3.85 -38.99
C GLY B 280 8.61 4.28 -38.50
N LEU B 281 7.94 3.46 -37.65
CA LEU B 281 6.61 3.71 -37.09
C LEU B 281 6.71 4.56 -35.85
N PRO B 282 5.65 5.36 -35.51
CA PRO B 282 5.68 6.16 -34.28
C PRO B 282 5.61 5.29 -33.01
N PRO B 283 5.95 5.85 -31.81
CA PRO B 283 5.77 5.09 -30.57
C PRO B 283 4.27 4.94 -30.26
N ALA B 284 3.92 4.07 -29.30
CA ALA B 284 2.53 3.76 -29.01
C ALA B 284 1.86 4.45 -27.79
N THR B 285 0.78 5.22 -28.05
CA THR B 285 -0.01 5.90 -27.02
C THR B 285 -1.20 4.98 -26.71
N PHE B 286 -1.11 4.26 -25.57
CA PHE B 286 -2.13 3.28 -25.17
C PHE B 286 -3.28 3.77 -24.38
N TYR B 287 -4.46 3.19 -24.64
CA TYR B 287 -5.66 3.45 -23.85
C TYR B 287 -5.55 2.56 -22.61
N GLU B 288 -5.22 1.29 -22.87
CA GLU B 288 -5.12 0.21 -21.92
C GLU B 288 -3.97 -0.69 -22.39
N PRO B 289 -2.79 -0.56 -21.79
CA PRO B 289 -1.66 -1.40 -22.22
C PRO B 289 -1.63 -2.74 -21.52
N ASN B 290 -2.39 -2.86 -20.42
CA ASN B 290 -2.41 -4.07 -19.60
C ASN B 290 -3.19 -5.25 -20.19
N VAL B 291 -3.00 -5.51 -21.50
CA VAL B 291 -3.65 -6.62 -22.23
C VAL B 291 -2.63 -7.64 -22.77
N PHE B 292 -1.33 -7.45 -22.49
CA PHE B 292 -0.23 -8.30 -22.98
C PHE B 292 -0.06 -9.65 -22.29
N ASP B 293 -0.99 -10.04 -21.41
CA ASP B 293 -0.93 -11.32 -20.74
C ASP B 293 -1.90 -12.28 -21.42
N LEU B 294 -3.20 -11.90 -21.45
CA LEU B 294 -4.29 -12.76 -21.96
C LEU B 294 -4.89 -12.41 -23.31
N TYR B 295 -4.18 -11.61 -24.13
CA TYR B 295 -4.60 -11.34 -25.50
C TYR B 295 -3.64 -12.15 -26.41
N SER B 296 -4.10 -12.52 -27.60
CA SER B 296 -3.29 -13.25 -28.59
C SER B 296 -2.42 -12.27 -29.39
N ALA B 297 -1.27 -12.73 -29.95
CA ALA B 297 -0.36 -11.87 -30.74
C ALA B 297 -1.07 -11.09 -31.87
N GLU B 298 -1.97 -11.76 -32.59
CA GLU B 298 -2.78 -11.20 -33.68
C GLU B 298 -3.65 -10.06 -33.15
N GLU B 299 -4.29 -10.27 -31.99
CA GLU B 299 -5.15 -9.27 -31.35
C GLU B 299 -4.31 -8.12 -30.77
N LEU B 300 -3.05 -8.39 -30.44
CA LEU B 300 -2.13 -7.39 -29.90
C LEU B 300 -1.57 -6.51 -31.01
N VAL B 301 -1.47 -7.04 -32.26
CA VAL B 301 -1.03 -6.27 -33.43
C VAL B 301 -2.02 -5.08 -33.56
N VAL B 302 -3.35 -5.40 -33.55
CA VAL B 302 -4.44 -4.43 -33.63
C VAL B 302 -4.36 -3.42 -32.50
N VAL B 303 -4.11 -3.89 -31.25
CA VAL B 303 -4.01 -3.06 -30.05
C VAL B 303 -2.86 -2.05 -30.23
N VAL B 304 -1.72 -2.54 -30.72
CA VAL B 304 -0.55 -1.72 -30.95
C VAL B 304 -0.80 -0.71 -32.10
N LYS B 305 -1.41 -1.16 -33.25
CA LYS B 305 -1.74 -0.29 -34.39
C LYS B 305 -2.64 0.83 -33.95
N GLU B 306 -3.72 0.49 -33.20
CA GLU B 306 -4.65 1.42 -32.58
C GLU B 306 -3.92 2.43 -31.65
N ALA B 307 -2.88 1.97 -30.93
CA ALA B 307 -2.06 2.84 -30.06
C ALA B 307 -1.12 3.78 -30.87
N ILE B 308 -0.53 3.27 -32.00
CA ILE B 308 0.34 4.02 -32.92
C ILE B 308 -0.52 5.15 -33.58
N PHE B 309 -1.79 4.81 -33.95
CA PHE B 309 -2.76 5.72 -34.53
C PHE B 309 -3.07 6.90 -33.57
N ASN B 310 -3.02 6.66 -32.23
CA ASN B 310 -3.25 7.67 -31.19
C ASN B 310 -2.17 8.74 -31.23
N THR B 311 -0.88 8.31 -31.27
CA THR B 311 0.28 9.20 -31.47
C THR B 311 0.11 10.08 -32.72
N VAL B 312 -0.32 9.48 -33.85
CA VAL B 312 -0.55 10.16 -35.12
C VAL B 312 -1.65 11.21 -34.96
N GLU B 313 -2.73 10.88 -34.25
CA GLU B 313 -3.79 11.84 -34.01
C GLU B 313 -3.33 12.96 -33.07
N ILE B 314 -2.57 12.65 -31.97
CA ILE B 314 -2.08 13.69 -31.03
C ILE B 314 -1.21 14.71 -31.84
N ILE B 315 -0.22 14.21 -32.60
CA ILE B 315 0.70 15.01 -33.42
C ILE B 315 -0.03 15.86 -34.45
N GLU B 316 -0.95 15.25 -35.23
CA GLU B 316 -1.68 15.98 -36.26
C GLU B 316 -2.55 17.08 -35.68
N GLN B 317 -3.26 16.79 -34.56
CA GLN B 317 -4.08 17.77 -33.86
C GLN B 317 -3.21 18.91 -33.35
N SER B 318 -2.04 18.60 -32.79
CA SER B 318 -1.12 19.60 -32.26
C SER B 318 -0.57 20.50 -33.37
N LYS B 319 -0.29 19.91 -34.55
CA LYS B 319 0.21 20.59 -35.75
C LYS B 319 -0.81 21.60 -36.25
N ARG B 320 -2.10 21.20 -36.24
CA ARG B 320 -3.18 22.07 -36.71
C ARG B 320 -3.65 23.01 -35.60
N LYS B 321 -2.88 23.11 -34.49
CA LYS B 321 -3.14 23.93 -33.31
C LYS B 321 -4.57 23.66 -32.77
N THR B 322 -5.03 22.41 -32.96
CA THR B 322 -6.33 21.90 -32.53
C THR B 322 -6.17 21.39 -31.10
N PRO B 323 -7.05 21.81 -30.16
CA PRO B 323 -6.96 21.27 -28.78
C PRO B 323 -7.18 19.75 -28.73
N ILE B 324 -6.22 18.98 -28.15
CA ILE B 324 -6.38 17.53 -28.11
C ILE B 324 -7.47 17.06 -27.09
N THR B 325 -8.48 16.31 -27.58
CA THR B 325 -9.67 15.87 -26.81
C THR B 325 -9.84 14.35 -26.74
N LEU B 326 -8.80 13.59 -27.14
CA LEU B 326 -8.80 12.13 -27.14
C LEU B 326 -9.14 11.56 -25.77
N TYR B 327 -9.99 10.51 -25.80
CA TYR B 327 -10.47 9.78 -24.63
C TYR B 327 -11.25 10.62 -23.59
N GLY B 328 -11.91 11.67 -24.07
CA GLY B 328 -12.77 12.57 -23.30
C GLY B 328 -12.07 13.59 -22.43
N TYR B 329 -10.73 13.69 -22.56
CA TYR B 329 -9.89 14.58 -21.77
C TYR B 329 -9.44 15.86 -22.48
N HIS B 330 -9.74 17.03 -21.86
CA HIS B 330 -9.35 18.35 -22.33
C HIS B 330 -8.44 18.90 -21.24
N SER B 331 -7.13 18.98 -21.51
CA SER B 331 -6.13 19.52 -20.59
C SER B 331 -6.42 20.98 -20.25
N SER B 332 -6.13 21.37 -19.01
CA SER B 332 -6.31 22.75 -18.56
C SER B 332 -4.95 23.42 -18.60
N LEU B 333 -4.92 24.76 -18.73
CA LEU B 333 -3.65 25.49 -18.74
C LEU B 333 -2.83 25.20 -17.47
N GLU B 334 -3.52 24.92 -16.34
CA GLU B 334 -2.92 24.58 -15.07
C GLU B 334 -2.19 23.23 -15.13
N GLU B 335 -2.82 22.22 -15.75
CA GLU B 335 -2.27 20.87 -15.93
C GLU B 335 -1.05 20.89 -16.84
N GLN B 336 -1.12 21.65 -17.94
CA GLN B 336 -0.04 21.84 -18.91
C GLN B 336 1.17 22.53 -18.27
N THR B 337 0.95 23.64 -17.55
CA THR B 337 2.05 24.36 -16.89
C THR B 337 2.63 23.59 -15.69
N LYS B 338 1.80 22.76 -15.00
CA LYS B 338 2.30 21.94 -13.91
C LYS B 338 3.26 20.87 -14.46
N PHE B 339 2.86 20.19 -15.58
CA PHE B 339 3.68 19.21 -16.29
C PHE B 339 4.93 19.85 -16.92
N ARG B 340 4.80 21.06 -17.48
CA ARG B 340 5.96 21.75 -18.08
C ARG B 340 7.02 22.05 -17.01
N ASP B 341 6.59 22.44 -15.79
CA ASP B 341 7.46 22.72 -14.64
C ASP B 341 8.01 21.41 -14.06
N MET B 342 7.30 20.31 -14.27
CA MET B 342 7.67 18.99 -13.75
C MET B 342 8.67 18.28 -14.66
N LEU B 343 8.49 18.42 -16.00
CA LEU B 343 9.33 17.78 -17.00
C LEU B 343 10.78 18.08 -16.76
N ASP B 344 11.58 17.00 -16.79
CA ASP B 344 13.04 17.00 -16.67
C ASP B 344 13.53 15.68 -17.25
N SER B 345 13.94 15.73 -18.53
CA SER B 345 14.48 14.58 -19.24
C SER B 345 15.52 15.06 -20.25
N PRO B 346 16.81 15.11 -19.82
CA PRO B 346 17.88 15.57 -20.73
C PRO B 346 17.97 14.84 -22.07
N SER B 347 17.73 13.51 -22.10
CA SER B 347 17.76 12.74 -23.34
C SER B 347 16.58 13.12 -24.24
N TYR B 348 15.43 13.50 -23.65
CA TYR B 348 14.26 13.92 -24.43
C TYR B 348 14.54 15.28 -25.11
N GLU B 349 15.22 16.18 -24.39
CA GLU B 349 15.63 17.48 -24.92
C GLU B 349 16.57 17.26 -26.11
N LYS B 350 17.53 16.31 -25.98
CA LYS B 350 18.50 15.94 -27.03
C LYS B 350 17.79 15.52 -28.32
N ILE B 351 16.66 14.78 -28.17
CA ILE B 351 15.82 14.30 -29.25
C ILE B 351 15.04 15.47 -29.86
N LYS B 352 14.58 16.42 -29.03
CA LYS B 352 13.80 17.57 -29.44
C LYS B 352 14.63 18.55 -30.25
N HIS B 353 15.92 18.63 -29.95
CA HIS B 353 16.87 19.49 -30.64
C HIS B 353 17.76 18.68 -31.61
N MET B 354 17.25 17.51 -32.06
CA MET B 354 17.92 16.58 -32.98
C MET B 354 17.57 16.93 -34.44
N ASP B 355 18.47 16.62 -35.38
CA ASP B 355 18.33 16.89 -36.81
C ASP B 355 17.75 15.70 -37.58
N PHE B 356 16.75 15.93 -38.44
CA PHE B 356 16.15 14.87 -39.27
C PHE B 356 16.04 15.25 -40.77
N SER B 357 17.03 16.00 -41.26
CA SER B 357 17.14 16.46 -42.65
C SER B 357 17.33 15.33 -43.65
N ASP B 358 18.09 14.29 -43.27
CA ASP B 358 18.33 13.12 -44.13
C ASP B 358 17.35 12.00 -43.78
N LEU B 359 16.08 12.36 -43.67
CA LEU B 359 14.94 11.51 -43.36
C LEU B 359 13.75 12.14 -44.08
N ASN B 360 13.02 11.36 -44.90
CA ASN B 360 11.86 11.89 -45.61
C ASN B 360 10.60 11.76 -44.74
N PRO B 361 10.03 12.90 -44.25
CA PRO B 361 8.84 12.82 -43.39
C PRO B 361 7.62 12.30 -44.15
N GLU B 362 7.48 12.68 -45.45
CA GLU B 362 6.37 12.25 -46.28
C GLU B 362 6.33 10.76 -46.47
N LYS B 363 7.48 10.14 -46.82
CA LYS B 363 7.63 8.69 -46.94
C LYS B 363 7.33 8.02 -45.60
N LEU B 364 7.83 8.60 -44.48
CA LEU B 364 7.60 8.12 -43.10
C LEU B 364 6.10 8.11 -42.80
N HIS B 365 5.42 9.24 -43.10
CA HIS B 365 3.99 9.42 -42.93
C HIS B 365 3.15 8.46 -43.80
N LEU B 366 3.55 8.26 -45.06
CA LEU B 366 2.88 7.36 -46.03
C LEU B 366 2.98 5.90 -45.60
N LYS B 367 4.14 5.51 -44.98
CA LYS B 367 4.36 4.15 -44.50
C LYS B 367 3.48 3.86 -43.31
N THR B 368 3.36 4.81 -42.37
CA THR B 368 2.49 4.54 -41.24
C THR B 368 1.00 4.58 -41.63
N GLN B 369 0.63 5.45 -42.57
CA GLN B 369 -0.75 5.54 -43.07
C GLN B 369 -1.16 4.18 -43.72
N LYS B 370 -0.28 3.59 -44.53
CA LYS B 370 -0.52 2.27 -45.13
C LYS B 370 -0.56 1.17 -44.05
N CYS B 371 0.39 1.19 -43.10
CA CYS B 371 0.42 0.23 -42.01
C CYS B 371 -0.88 0.29 -41.21
N LEU B 372 -1.36 1.52 -40.82
CA LEU B 372 -2.58 1.73 -40.03
C LEU B 372 -3.89 1.55 -40.81
N SER B 373 -3.85 1.48 -42.15
CA SER B 373 -5.04 1.29 -43.01
C SER B 373 -5.94 0.06 -42.66
N SER B 374 -5.36 -0.98 -42.04
CA SER B 374 -6.03 -2.22 -41.63
C SER B 374 -7.17 -1.94 -40.67
N LEU B 375 -6.93 -0.98 -39.77
CA LEU B 375 -7.79 -0.43 -38.73
C LEU B 375 -9.07 0.19 -39.32
N ASN B 376 -9.06 0.60 -40.60
CA ASN B 376 -10.20 1.31 -41.21
C ASN B 376 -11.58 0.63 -41.25
N GLU B 377 -11.74 -0.60 -41.78
CA GLU B 377 -13.10 -1.14 -41.81
C GLU B 377 -13.53 -2.17 -40.76
N GLN B 378 -13.03 -1.98 -39.53
CA GLN B 378 -13.44 -2.76 -38.37
C GLN B 378 -14.25 -1.79 -37.50
N TYR B 379 -15.44 -2.23 -37.03
CA TYR B 379 -16.35 -1.47 -36.18
C TYR B 379 -16.38 0.03 -36.56
N PRO B 380 -16.83 0.34 -37.81
CA PRO B 380 -16.81 1.74 -38.26
C PRO B 380 -17.43 2.78 -37.33
N LEU B 381 -18.58 2.46 -36.70
CA LEU B 381 -19.30 3.41 -35.85
C LEU B 381 -18.61 3.68 -34.53
N HIS B 382 -18.08 2.62 -33.89
CA HIS B 382 -17.35 2.69 -32.63
C HIS B 382 -16.10 3.59 -32.74
N ARG B 383 -15.28 3.39 -33.80
CA ARG B 383 -14.07 4.15 -34.12
C ARG B 383 -14.46 5.58 -34.42
N GLY B 384 -15.58 5.73 -35.14
CA GLY B 384 -16.16 7.02 -35.44
C GLY B 384 -16.46 7.75 -34.15
N ALA B 385 -17.15 7.08 -33.21
CA ALA B 385 -17.46 7.63 -31.90
C ALA B 385 -16.21 8.07 -31.11
N ILE B 386 -15.08 7.42 -31.33
CA ILE B 386 -13.85 7.78 -30.60
C ILE B 386 -13.08 8.94 -31.26
N TYR B 387 -12.88 8.83 -32.59
CA TYR B 387 -12.06 9.73 -33.40
C TYR B 387 -12.75 10.82 -34.18
N LEU B 388 -13.97 10.56 -34.68
CA LEU B 388 -14.67 11.53 -35.54
C LEU B 388 -15.27 12.69 -34.79
N SER B 389 -15.12 13.90 -35.32
CA SER B 389 -15.65 15.12 -34.71
C SER B 389 -16.47 15.95 -35.70
N ASP B 390 -16.16 15.80 -37.01
CA ASP B 390 -16.86 16.52 -38.08
C ASP B 390 -18.29 15.99 -38.22
N PRO B 391 -19.33 16.88 -38.10
CA PRO B 391 -20.73 16.44 -38.20
C PRO B 391 -21.13 15.88 -39.57
N GLY B 392 -20.45 16.30 -40.62
CA GLY B 392 -20.71 15.86 -41.97
C GLY B 392 -20.22 14.47 -42.21
N GLU B 393 -19.05 14.16 -41.64
CA GLU B 393 -18.43 12.84 -41.72
C GLU B 393 -19.27 11.88 -40.88
N ILE B 394 -19.67 12.33 -39.68
CA ILE B 394 -20.51 11.56 -38.77
C ILE B 394 -21.85 11.21 -39.40
N LYS B 395 -22.52 12.21 -40.01
CA LYS B 395 -23.82 12.03 -40.69
C LYS B 395 -23.75 11.01 -41.81
N LEU B 396 -22.62 11.00 -42.56
CA LEU B 396 -22.33 10.09 -43.65
C LEU B 396 -22.03 8.66 -43.14
N LEU B 397 -21.26 8.54 -42.05
CA LEU B 397 -20.94 7.27 -41.41
C LEU B 397 -22.21 6.57 -40.92
N LEU B 398 -23.16 7.32 -40.37
CA LEU B 398 -24.39 6.77 -39.82
C LEU B 398 -25.54 6.61 -40.81
N SER B 399 -25.32 7.03 -42.07
CA SER B 399 -26.28 6.91 -43.16
C SER B 399 -26.33 5.46 -43.62
N ASN B 400 -27.57 4.94 -43.81
CA ASN B 400 -27.87 3.57 -44.20
C ASN B 400 -27.35 2.50 -43.23
N ARG B 401 -27.40 2.82 -41.92
CA ARG B 401 -27.00 1.91 -40.84
C ARG B 401 -28.27 1.47 -40.14
N ASN B 402 -28.45 0.16 -39.93
CA ASN B 402 -29.66 -0.36 -39.29
C ASN B 402 -29.61 -0.37 -37.74
N GLU B 403 -30.70 -0.84 -37.11
CA GLU B 403 -30.89 -0.95 -35.65
C GLU B 403 -29.81 -1.84 -35.01
N SER B 404 -29.49 -3.00 -35.62
CA SER B 404 -28.46 -3.90 -35.09
C SER B 404 -27.06 -3.28 -35.23
N GLN B 405 -26.83 -2.53 -36.33
CA GLN B 405 -25.54 -1.87 -36.56
C GLN B 405 -25.30 -0.72 -35.57
N ILE B 406 -26.28 0.19 -35.39
CA ILE B 406 -26.18 1.34 -34.46
C ILE B 406 -26.08 0.95 -32.97
N ASN B 407 -26.69 -0.18 -32.58
CA ASN B 407 -26.73 -0.68 -31.19
C ASN B 407 -25.75 -1.84 -30.95
N GLN B 408 -24.85 -2.09 -31.91
CA GLN B 408 -23.87 -3.17 -31.91
C GLN B 408 -22.86 -3.01 -30.79
N GLN B 409 -22.71 -4.06 -29.98
CA GLN B 409 -21.74 -4.15 -28.89
C GLN B 409 -20.63 -5.10 -29.35
N ILE B 410 -19.39 -4.63 -29.37
CA ILE B 410 -18.25 -5.40 -29.85
C ILE B 410 -17.89 -6.51 -28.91
N GLU B 411 -17.70 -7.73 -29.46
CA GLU B 411 -17.38 -8.95 -28.70
C GLU B 411 -15.88 -9.04 -28.35
N GLN B 412 -15.53 -9.98 -27.48
CA GLN B 412 -14.16 -10.29 -27.03
C GLN B 412 -13.17 -10.48 -28.23
N GLY B 413 -11.94 -9.96 -28.08
CA GLY B 413 -10.85 -9.99 -29.07
C GLY B 413 -10.45 -8.64 -29.64
N ALA B 414 -11.41 -7.72 -29.70
CA ALA B 414 -11.14 -6.38 -30.19
C ALA B 414 -10.34 -5.61 -29.12
N PRO B 415 -9.58 -4.53 -29.46
CA PRO B 415 -8.89 -3.77 -28.41
C PRO B 415 -9.84 -3.50 -27.24
N PRO B 416 -9.34 -3.60 -25.97
CA PRO B 416 -10.21 -3.48 -24.78
C PRO B 416 -11.27 -2.38 -24.71
N ILE B 417 -11.00 -1.18 -25.26
CA ILE B 417 -11.97 -0.07 -25.22
C ILE B 417 -13.32 -0.44 -25.86
N TYR B 418 -13.30 -1.24 -26.93
CA TYR B 418 -14.50 -1.60 -27.68
C TYR B 418 -15.38 -2.64 -26.98
N VAL B 419 -14.76 -3.64 -26.35
CA VAL B 419 -15.47 -4.77 -25.71
C VAL B 419 -16.69 -4.42 -24.86
N GLY B 420 -17.82 -4.90 -25.36
CA GLY B 420 -19.17 -4.81 -24.80
C GLY B 420 -19.84 -3.48 -24.95
N LYS B 421 -19.17 -2.54 -25.61
CA LYS B 421 -19.64 -1.17 -25.76
C LYS B 421 -20.36 -0.92 -27.05
N THR B 422 -21.36 0.01 -26.99
CA THR B 422 -22.15 0.47 -28.13
C THR B 422 -21.49 1.73 -28.67
N PRO B 423 -21.76 2.17 -29.92
CA PRO B 423 -21.20 3.47 -30.36
C PRO B 423 -21.55 4.58 -29.36
N ALA B 424 -22.76 4.54 -28.76
CA ALA B 424 -23.24 5.50 -27.76
C ALA B 424 -22.45 5.58 -26.46
N HIS B 425 -21.95 4.42 -25.92
CA HIS B 425 -21.12 4.40 -24.69
C HIS B 425 -19.82 5.14 -24.98
N LEU B 426 -19.20 4.76 -26.09
CA LEU B 426 -17.96 5.28 -26.63
C LEU B 426 -18.04 6.75 -26.96
N ALA B 427 -19.20 7.23 -27.51
CA ALA B 427 -19.42 8.65 -27.84
C ALA B 427 -19.42 9.47 -26.54
N VAL B 428 -20.06 8.92 -25.48
CA VAL B 428 -20.13 9.53 -24.16
C VAL B 428 -18.76 9.54 -23.48
N ILE B 429 -18.02 8.43 -23.49
CA ILE B 429 -16.68 8.41 -22.90
C ILE B 429 -15.72 9.41 -23.58
N SER B 430 -15.87 9.57 -24.88
CA SER B 430 -15.01 10.43 -25.72
C SER B 430 -15.39 11.91 -25.73
N GLY B 431 -16.56 12.25 -25.17
CA GLY B 431 -17.11 13.60 -25.19
C GLY B 431 -17.54 14.01 -26.57
N ASN B 432 -17.88 13.03 -27.43
CA ASN B 432 -18.20 13.24 -28.82
C ASN B 432 -19.64 13.65 -29.02
N MET B 433 -19.91 14.93 -28.75
CA MET B 433 -21.23 15.56 -28.88
C MET B 433 -21.89 15.28 -30.21
N ALA B 434 -21.18 15.53 -31.33
CA ALA B 434 -21.70 15.37 -32.70
C ALA B 434 -22.13 13.94 -33.01
N MET B 435 -21.40 12.94 -32.48
CA MET B 435 -21.74 11.53 -32.64
C MET B 435 -22.97 11.18 -31.78
N LEU B 436 -22.98 11.62 -30.51
CA LEU B 436 -24.12 11.39 -29.62
C LEU B 436 -25.41 12.00 -30.20
N ASP B 437 -25.30 13.23 -30.78
CA ASP B 437 -26.42 13.96 -31.40
C ASP B 437 -27.02 13.19 -32.57
N GLU B 438 -26.14 12.61 -33.39
CA GLU B 438 -26.49 11.79 -34.54
C GLU B 438 -27.09 10.43 -34.15
N LEU B 439 -26.54 9.78 -33.11
CA LEU B 439 -27.03 8.49 -32.55
C LEU B 439 -28.44 8.65 -31.97
N ILE B 440 -28.71 9.78 -31.28
CA ILE B 440 -30.02 10.13 -30.74
C ILE B 440 -31.03 10.29 -31.89
N ALA B 441 -30.59 10.94 -32.97
CA ALA B 441 -31.38 11.15 -34.19
C ALA B 441 -31.67 9.80 -34.90
N LYS B 442 -30.67 8.88 -34.94
CA LYS B 442 -30.84 7.54 -35.54
C LYS B 442 -31.57 6.58 -34.59
N LYS B 443 -31.97 7.09 -33.39
CA LYS B 443 -32.72 6.39 -32.34
C LYS B 443 -31.98 5.19 -31.69
N ALA B 444 -30.71 5.41 -31.34
CA ALA B 444 -29.85 4.43 -30.65
C ALA B 444 -30.40 4.17 -29.25
N ASP B 445 -30.40 2.90 -28.82
CA ASP B 445 -30.87 2.53 -27.49
C ASP B 445 -29.83 2.96 -26.44
N LEU B 446 -30.19 3.99 -25.67
CA LEU B 446 -29.36 4.60 -24.64
C LEU B 446 -29.46 3.87 -23.30
N SER B 447 -30.33 2.83 -23.22
CA SER B 447 -30.54 2.02 -22.00
C SER B 447 -29.69 0.73 -21.98
N LEU B 448 -28.98 0.45 -23.10
CA LEU B 448 -28.14 -0.74 -23.21
C LEU B 448 -26.96 -0.66 -22.25
N GLN B 449 -26.78 -1.73 -21.48
CA GLN B 449 -25.73 -1.84 -20.49
C GLN B 449 -24.53 -2.50 -21.11
N ASP B 450 -23.32 -1.99 -20.84
CA ASP B 450 -22.12 -2.64 -21.35
C ASP B 450 -21.76 -3.83 -20.44
N TYR B 451 -20.61 -4.48 -20.69
CA TYR B 451 -20.24 -5.64 -19.88
C TYR B 451 -19.94 -5.33 -18.39
N ASP B 452 -19.94 -4.02 -17.98
CA ASP B 452 -19.77 -3.54 -16.59
C ASP B 452 -21.10 -3.13 -15.95
N GLY B 453 -22.19 -3.26 -16.73
CA GLY B 453 -23.55 -2.96 -16.33
C GLY B 453 -23.89 -1.49 -16.44
N LYS B 454 -23.02 -0.71 -17.09
CA LYS B 454 -23.15 0.73 -17.27
C LYS B 454 -23.85 1.13 -18.54
N THR B 455 -24.72 2.15 -18.45
CA THR B 455 -25.42 2.72 -19.60
C THR B 455 -24.68 3.98 -20.03
N ALA B 456 -25.12 4.59 -21.13
CA ALA B 456 -24.57 5.82 -21.61
C ALA B 456 -24.66 6.89 -20.48
N LEU B 457 -25.73 6.83 -19.66
CA LEU B 457 -26.02 7.73 -18.56
C LEU B 457 -24.98 7.64 -17.41
N HIS B 458 -24.61 6.40 -17.00
CA HIS B 458 -23.60 6.07 -15.99
C HIS B 458 -22.26 6.75 -16.32
N TYR B 459 -21.83 6.63 -17.60
CA TYR B 459 -20.59 7.22 -18.10
C TYR B 459 -20.66 8.75 -18.13
N ALA B 460 -21.85 9.32 -18.43
CA ALA B 460 -22.03 10.78 -18.51
C ALA B 460 -21.87 11.35 -17.13
N ALA B 461 -22.40 10.64 -16.13
CA ALA B 461 -22.29 11.01 -14.72
C ALA B 461 -20.84 10.94 -14.24
N GLU B 462 -20.11 9.84 -14.59
CA GLU B 462 -18.69 9.62 -14.24
C GLU B 462 -17.76 10.68 -14.84
N CYS B 463 -17.98 11.04 -16.13
CA CYS B 463 -17.20 12.04 -16.89
C CYS B 463 -17.49 13.46 -16.42
N GLY B 464 -18.68 13.66 -15.87
CA GLY B 464 -19.13 14.95 -15.38
C GLY B 464 -19.71 15.84 -16.46
N ASN B 465 -20.02 15.27 -17.64
CA ASN B 465 -20.56 16.04 -18.75
C ASN B 465 -22.06 16.34 -18.60
N MET B 466 -22.37 17.62 -18.30
CA MET B 466 -23.72 18.11 -18.10
C MET B 466 -24.54 18.08 -19.40
N GLN B 467 -23.91 18.49 -20.51
CA GLN B 467 -24.60 18.52 -21.79
C GLN B 467 -24.98 17.14 -22.25
N ILE B 468 -24.06 16.18 -22.26
CA ILE B 468 -24.38 14.82 -22.66
C ILE B 468 -25.45 14.19 -21.78
N MET B 469 -25.34 14.40 -20.48
CA MET B 469 -26.27 13.85 -19.51
C MET B 469 -27.69 14.40 -19.70
N GLY B 470 -27.80 15.74 -19.81
CA GLY B 470 -29.07 16.42 -20.06
C GLY B 470 -29.72 15.92 -21.32
N LYS B 471 -28.90 15.72 -22.40
CA LYS B 471 -29.34 15.20 -23.71
C LYS B 471 -29.93 13.79 -23.59
N ILE B 472 -29.27 12.91 -22.80
CA ILE B 472 -29.74 11.54 -22.56
C ILE B 472 -31.02 11.57 -21.73
N LEU B 473 -31.04 12.37 -20.66
CA LEU B 473 -32.19 12.47 -19.77
C LEU B 473 -33.47 12.92 -20.47
N LYS B 474 -33.35 13.88 -21.41
CA LYS B 474 -34.46 14.37 -22.24
C LYS B 474 -35.06 13.19 -23.03
N VAL B 475 -34.18 12.34 -23.62
CA VAL B 475 -34.56 11.13 -24.36
C VAL B 475 -35.24 10.13 -23.40
N VAL B 476 -34.60 9.80 -22.24
CA VAL B 476 -35.10 8.88 -21.21
C VAL B 476 -36.49 9.29 -20.69
N LEU B 477 -36.70 10.59 -20.38
CA LEU B 477 -37.97 11.12 -19.91
C LEU B 477 -39.09 11.16 -20.95
N SER B 478 -38.74 11.09 -22.26
CA SER B 478 -39.72 11.07 -23.37
C SER B 478 -40.22 9.64 -23.68
N GLN B 479 -39.72 8.63 -22.92
CA GLN B 479 -40.12 7.22 -23.01
C GLN B 479 -40.88 6.79 -21.76
N GLU B 480 -41.62 5.65 -21.83
CA GLU B 480 -42.47 5.16 -20.74
C GLU B 480 -41.74 4.65 -19.49
N ASP B 481 -40.71 3.80 -19.70
CA ASP B 481 -39.92 3.22 -18.63
C ASP B 481 -38.78 4.13 -18.14
N ALA B 482 -38.98 5.45 -18.10
CA ALA B 482 -37.99 6.45 -17.66
C ALA B 482 -37.41 6.12 -16.29
N ILE B 483 -38.30 5.93 -15.30
CA ILE B 483 -38.00 5.61 -13.90
C ILE B 483 -37.18 4.31 -13.77
N LYS B 484 -37.43 3.32 -14.67
CA LYS B 484 -36.70 2.07 -14.73
C LYS B 484 -35.28 2.32 -15.26
N VAL B 485 -35.15 3.09 -16.36
CA VAL B 485 -33.86 3.42 -16.99
C VAL B 485 -32.96 4.20 -16.03
N LEU B 486 -33.52 5.19 -15.32
CA LEU B 486 -32.77 5.99 -14.33
C LEU B 486 -32.29 5.13 -13.14
N ASN B 487 -33.06 4.08 -12.77
CA ASN B 487 -32.72 3.19 -11.67
C ASN B 487 -31.90 1.94 -12.07
N ILE B 488 -31.38 1.92 -13.32
CA ILE B 488 -30.53 0.82 -13.79
C ILE B 488 -29.23 0.85 -12.97
N LYS B 489 -28.95 -0.28 -12.32
CA LYS B 489 -27.77 -0.48 -11.49
C LYS B 489 -26.69 -1.21 -12.25
N ASP B 490 -25.46 -0.74 -12.15
CA ASP B 490 -24.32 -1.40 -12.79
C ASP B 490 -23.84 -2.60 -11.96
N ASN B 491 -22.63 -3.12 -12.26
CA ASN B 491 -22.05 -4.27 -11.54
C ASN B 491 -21.79 -3.97 -10.07
N HIS B 492 -21.40 -2.71 -9.76
CA HIS B 492 -21.14 -2.21 -8.41
C HIS B 492 -22.42 -1.86 -7.64
N GLY B 493 -23.58 -2.14 -8.24
CA GLY B 493 -24.89 -1.85 -7.67
C GLY B 493 -25.12 -0.36 -7.54
N LYS B 494 -24.50 0.42 -8.43
CA LYS B 494 -24.59 1.86 -8.45
C LYS B 494 -25.43 2.32 -9.63
N THR B 495 -26.13 3.43 -9.41
CA THR B 495 -27.02 4.09 -10.36
C THR B 495 -26.18 5.14 -11.04
N ALA B 496 -26.65 5.68 -12.20
CA ALA B 496 -25.92 6.73 -12.92
C ALA B 496 -25.71 7.91 -11.96
N PHE B 497 -26.76 8.24 -11.14
CA PHE B 497 -26.81 9.32 -10.15
C PHE B 497 -25.96 9.15 -8.90
N HIS B 498 -25.61 7.88 -8.53
CA HIS B 498 -24.66 7.61 -7.48
C HIS B 498 -23.31 8.19 -7.96
N TYR B 499 -22.95 7.94 -9.25
CA TYR B 499 -21.71 8.44 -9.88
C TYR B 499 -21.72 9.93 -10.04
N ALA B 500 -22.90 10.53 -10.34
CA ALA B 500 -22.99 11.97 -10.49
C ALA B 500 -22.72 12.62 -9.13
N ALA B 501 -23.37 12.11 -8.06
CA ALA B 501 -23.18 12.54 -6.67
C ALA B 501 -21.73 12.36 -6.17
N GLU B 502 -20.97 11.41 -6.77
CA GLU B 502 -19.58 11.12 -6.45
C GLU B 502 -18.63 11.91 -7.36
N PHE B 503 -19.16 12.71 -8.28
CA PHE B 503 -18.30 13.39 -9.23
C PHE B 503 -17.51 14.57 -8.68
N GLY B 504 -16.20 14.53 -8.90
CA GLY B 504 -15.28 15.58 -8.51
C GLY B 504 -14.71 15.47 -7.11
N THR B 505 -15.35 14.63 -6.25
CA THR B 505 -14.97 14.38 -4.86
C THR B 505 -13.46 14.03 -4.69
N PRO B 506 -12.77 14.65 -3.71
CA PRO B 506 -11.33 14.37 -3.51
C PRO B 506 -11.00 12.95 -3.06
N GLU B 507 -9.70 12.63 -3.02
CA GLU B 507 -9.18 11.36 -2.54
C GLU B 507 -8.41 11.65 -1.23
N LEU B 508 -8.82 12.69 -0.48
CA LEU B 508 -8.15 13.13 0.74
C LEU B 508 -9.11 13.23 1.90
N ILE B 509 -8.59 12.98 3.14
CA ILE B 509 -9.34 13.13 4.39
C ILE B 509 -9.34 14.65 4.62
N SER B 510 -10.41 15.29 4.11
CA SER B 510 -10.62 16.73 4.10
C SER B 510 -12.04 17.07 4.50
N ALA B 511 -12.21 18.12 5.32
CA ALA B 511 -13.53 18.60 5.72
C ALA B 511 -14.15 19.37 4.54
N LEU B 512 -13.40 20.40 4.03
CA LEU B 512 -13.76 21.26 2.90
C LEU B 512 -13.17 20.76 1.58
#